data_1P2E
#
_entry.id   1P2E
#
_cell.length_a   45.351
_cell.length_b   87.079
_cell.length_c   79.678
_cell.angle_alpha   90.00
_cell.angle_beta   109.38
_cell.angle_gamma   90.00
#
_symmetry.space_group_name_H-M   'P 1 21 1'
#
loop_
_entity.id
_entity.type
_entity.pdbx_description
1 polymer 'flavocytochrome c3'
2 non-polymer 'SODIUM ION'
3 non-polymer 'PROTOPORPHYRIN IX CONTAINING FE'
4 non-polymer 'FLAVIN-ADENINE DINUCLEOTIDE'
5 non-polymer 'FUMARIC ACID'
6 non-polymer 'ACETIC ACID'
7 water water
#
_entity_poly.entity_id   1
_entity_poly.type   'polypeptide(L)'
_entity_poly.pdbx_seq_one_letter_code
;ADNLAEFHVQNQECDSCHTPDGELSNDSLTYENTQCVSCHGTLAEVAETTKHEHYNAHASAFPGEVACTSCHSAHEKSMV
YCDSCHSFDFNMPYAKKWLRDEPTIAELAKDKSERQAALASAPHDTVDVVVVGSGGAGFSAAISATDSGAKVILIEKEPV
IGGNAKLAAGGMNAAWTDQQKAKKITDSPELMFEDTMKGGQNINDPALVKVLSSHSKDSVDWMTAMGADLTDVGMMGGAS
VNRAHRPTGGAGVGAHVVQVLYDNAVKRNIDLRMNTRGIEVLKDDKGTVKGILVKGMYKGYYWVKADAVILATGGFAKNN
ERVAKLDPSLKGFISTNQPGAVGDGLDVAENAGGALKDMQYIQAHPTLSVKGGVMVTEAVRGNGAILVNREGKRFVNEIT
TRDKASAAILAQTGKSAYLIFDDSVRKSLSKIDKYIGLGVAPTADSLVKLGKMEGIDGKALTETVARYNSLVSSGKDTDF
ERPNLPRALNEGNYYAIEVTPGVHHTMGGVMIDTKAEVMNAKKQVIPGLYGAGEVTGGVHGANRLGGNAISDIITFGRLA
GEEAAKYSKKN
;
_entity_poly.pdbx_strand_id   A
#
loop_
_chem_comp.id
_chem_comp.type
_chem_comp.name
_chem_comp.formula
ACY non-polymer 'ACETIC ACID' 'C2 H4 O2'
FAD non-polymer 'FLAVIN-ADENINE DINUCLEOTIDE' 'C27 H33 N9 O15 P2'
FUM non-polymer 'FUMARIC ACID' 'C4 H4 O4'
HEM non-polymer 'PROTOPORPHYRIN IX CONTAINING FE' 'C34 H32 Fe N4 O4'
NA non-polymer 'SODIUM ION' 'Na 1'
#
# COMPACT_ATOMS: atom_id res chain seq x y z
N ALA A 1 0.76 -33.56 -18.42
CA ALA A 1 0.84 -32.32 -19.23
C ALA A 1 1.90 -31.48 -18.49
N ASP A 2 2.62 -30.72 -19.27
CA ASP A 2 3.60 -29.84 -18.72
C ASP A 2 3.06 -28.44 -18.43
N ASN A 3 1.94 -28.08 -19.03
CA ASN A 3 1.33 -26.77 -18.81
C ASN A 3 -0.18 -26.83 -18.97
N LEU A 4 -0.84 -25.78 -18.45
CA LEU A 4 -2.30 -25.70 -18.53
C LEU A 4 -2.86 -25.68 -19.97
N ALA A 5 -2.20 -25.03 -20.93
CA ALA A 5 -2.81 -25.10 -22.28
C ALA A 5 -2.78 -26.55 -22.79
N GLU A 6 -1.59 -27.16 -22.73
CA GLU A 6 -1.43 -28.56 -23.24
C GLU A 6 -2.46 -29.42 -22.57
N PHE A 7 -2.68 -29.29 -21.25
CA PHE A 7 -3.73 -30.04 -20.61
C PHE A 7 -5.07 -29.81 -21.28
N HIS A 8 -5.49 -28.54 -21.42
CA HIS A 8 -6.81 -28.31 -22.01
C HIS A 8 -6.85 -28.71 -23.51
N VAL A 9 -5.79 -28.65 -24.33
CA VAL A 9 -5.91 -29.05 -25.72
C VAL A 9 -5.97 -30.57 -25.91
N GLN A 10 -6.10 -31.45 -24.92
CA GLN A 10 -6.33 -32.87 -25.03
C GLN A 10 -7.82 -33.07 -25.36
N ASN A 11 -8.61 -32.00 -25.15
CA ASN A 11 -10.02 -32.21 -25.47
C ASN A 11 -10.62 -30.91 -25.97
N GLN A 12 -9.77 -29.97 -26.43
CA GLN A 12 -10.38 -28.68 -26.78
C GLN A 12 -9.66 -28.02 -27.93
N GLU A 13 -10.35 -27.20 -28.71
CA GLU A 13 -9.55 -26.43 -29.71
C GLU A 13 -8.84 -25.21 -29.14
N CYS A 14 -7.81 -24.74 -29.85
CA CYS A 14 -7.17 -23.50 -29.53
C CYS A 14 -8.13 -22.34 -29.27
N ASP A 15 -9.17 -22.21 -30.07
CA ASP A 15 -10.13 -21.16 -29.89
C ASP A 15 -11.13 -21.42 -28.77
N SER A 16 -11.08 -22.46 -27.93
CA SER A 16 -11.96 -22.38 -26.76
C SER A 16 -11.39 -21.30 -25.83
N CYS A 17 -10.13 -20.88 -25.94
CA CYS A 17 -9.62 -19.76 -25.19
C CYS A 17 -9.28 -18.52 -26.02
N HIS A 18 -8.80 -18.65 -27.27
CA HIS A 18 -8.29 -17.51 -27.99
C HIS A 18 -9.36 -16.87 -28.86
N THR A 19 -9.17 -15.62 -29.25
CA THR A 19 -10.04 -14.99 -30.24
C THR A 19 -9.93 -15.72 -31.60
N PRO A 20 -10.89 -15.50 -32.50
CA PRO A 20 -10.91 -16.00 -33.87
C PRO A 20 -9.68 -15.79 -34.74
N ASP A 21 -8.97 -14.66 -34.62
CA ASP A 21 -7.72 -14.51 -35.36
C ASP A 21 -6.59 -14.99 -34.48
N GLY A 22 -6.88 -15.28 -33.23
CA GLY A 22 -5.96 -15.90 -32.28
C GLY A 22 -4.99 -14.92 -31.62
N GLU A 23 -5.04 -13.66 -31.96
CA GLU A 23 -4.22 -12.63 -31.32
C GLU A 23 -4.62 -12.42 -29.85
N LEU A 24 -3.73 -11.96 -29.01
CA LEU A 24 -4.10 -11.73 -27.59
C LEU A 24 -4.94 -10.46 -27.52
N SER A 25 -6.14 -10.54 -26.87
CA SER A 25 -6.94 -9.35 -26.89
C SER A 25 -6.21 -8.10 -26.46
N ASN A 26 -5.44 -8.12 -25.37
CA ASN A 26 -4.75 -6.93 -24.86
C ASN A 26 -3.90 -7.39 -23.68
N ASP A 27 -3.21 -6.45 -23.02
CA ASP A 27 -2.25 -6.84 -21.99
C ASP A 27 -3.00 -7.20 -20.74
N SER A 28 -4.31 -6.96 -20.63
CA SER A 28 -5.08 -7.43 -19.54
C SER A 28 -5.63 -8.85 -19.76
N LEU A 29 -5.53 -9.35 -20.98
CA LEU A 29 -6.05 -10.66 -21.34
C LEU A 29 -7.54 -10.74 -21.07
N THR A 30 -8.24 -9.61 -21.37
CA THR A 30 -9.68 -9.58 -21.15
C THR A 30 -10.49 -10.73 -21.72
N TYR A 31 -10.52 -10.84 -23.04
CA TYR A 31 -11.21 -11.91 -23.79
C TYR A 31 -10.80 -13.26 -23.29
N GLU A 32 -9.52 -13.52 -23.13
CA GLU A 32 -9.01 -14.78 -22.63
C GLU A 32 -9.44 -15.12 -21.19
N ASN A 33 -9.52 -14.17 -20.24
CA ASN A 33 -9.95 -14.55 -18.88
C ASN A 33 -11.44 -14.87 -18.83
N THR A 34 -12.16 -14.10 -19.64
CA THR A 34 -13.60 -14.28 -19.87
C THR A 34 -13.85 -15.73 -20.31
N GLN A 35 -12.99 -16.26 -21.18
CA GLN A 35 -13.17 -17.66 -21.58
C GLN A 35 -12.96 -18.57 -20.37
N CYS A 36 -11.90 -18.39 -19.55
CA CYS A 36 -11.77 -19.19 -18.34
C CYS A 36 -13.04 -19.12 -17.48
N VAL A 37 -13.59 -17.93 -17.34
CA VAL A 37 -14.74 -17.70 -16.46
C VAL A 37 -15.96 -18.40 -17.03
N SER A 38 -16.12 -18.33 -18.36
CA SER A 38 -17.28 -18.97 -19.00
C SER A 38 -17.23 -20.48 -18.83
N CYS A 39 -16.10 -21.18 -18.76
CA CYS A 39 -16.21 -22.59 -18.40
C CYS A 39 -16.11 -22.82 -16.90
N HIS A 40 -15.21 -22.17 -16.17
CA HIS A 40 -15.09 -22.48 -14.75
C HIS A 40 -15.94 -21.65 -13.84
N GLY A 41 -16.66 -20.64 -14.20
CA GLY A 41 -17.32 -19.76 -13.26
C GLY A 41 -16.48 -18.53 -12.91
N THR A 42 -17.10 -17.55 -12.29
CA THR A 42 -16.34 -16.41 -11.78
C THR A 42 -15.38 -16.87 -10.69
N LEU A 43 -14.67 -15.87 -10.19
CA LEU A 43 -13.75 -16.04 -9.05
C LEU A 43 -14.44 -16.49 -7.76
N ALA A 44 -15.64 -16.08 -7.44
CA ALA A 44 -16.41 -16.51 -6.27
C ALA A 44 -16.93 -17.94 -6.42
N GLU A 45 -17.42 -18.29 -7.64
CA GLU A 45 -17.88 -19.66 -7.92
C GLU A 45 -16.76 -20.67 -7.80
N VAL A 46 -15.58 -20.20 -8.27
CA VAL A 46 -14.43 -21.13 -8.17
C VAL A 46 -14.00 -21.27 -6.70
N ALA A 47 -14.24 -20.25 -5.84
CA ALA A 47 -13.72 -20.39 -4.47
C ALA A 47 -14.47 -21.48 -3.71
N GLU A 48 -15.76 -21.67 -4.00
CA GLU A 48 -16.57 -22.74 -3.43
C GLU A 48 -15.95 -24.11 -3.65
N THR A 49 -15.16 -24.36 -4.68
CA THR A 49 -14.61 -25.68 -4.90
C THR A 49 -13.19 -25.74 -4.37
N THR A 50 -12.68 -24.66 -3.74
CA THR A 50 -11.33 -24.77 -3.18
C THR A 50 -11.24 -24.24 -1.73
N LYS A 51 -12.26 -24.47 -0.90
CA LYS A 51 -12.23 -24.02 0.48
C LYS A 51 -11.22 -24.78 1.35
N HIS A 52 -10.56 -24.08 2.25
CA HIS A 52 -9.70 -24.54 3.33
C HIS A 52 -10.23 -23.77 4.54
N GLU A 53 -10.16 -24.22 5.78
CA GLU A 53 -10.71 -23.47 6.91
C GLU A 53 -10.27 -22.01 6.92
N HIS A 54 -9.00 -21.77 7.08
CA HIS A 54 -8.44 -20.44 7.22
C HIS A 54 -7.85 -19.72 6.01
N TYR A 55 -8.06 -20.29 4.82
CA TYR A 55 -7.63 -19.62 3.60
C TYR A 55 -8.18 -20.24 2.31
N ASN A 56 -8.06 -19.44 1.24
CA ASN A 56 -8.53 -19.89 -0.07
C ASN A 56 -7.87 -19.07 -1.16
N ALA A 57 -7.15 -19.71 -2.07
CA ALA A 57 -6.65 -19.10 -3.28
C ALA A 57 -7.65 -18.22 -4.00
N HIS A 58 -8.87 -18.69 -4.20
CA HIS A 58 -9.88 -17.97 -4.94
C HIS A 58 -10.73 -17.02 -4.17
N ALA A 59 -10.40 -16.63 -2.96
CA ALA A 59 -11.19 -15.69 -2.19
C ALA A 59 -10.16 -14.79 -1.54
N SER A 60 -10.13 -13.51 -1.67
CA SER A 60 -9.08 -12.76 -0.93
C SER A 60 -9.71 -11.40 -0.73
N ALA A 61 -9.12 -10.54 0.10
CA ALA A 61 -9.67 -9.21 0.24
C ALA A 61 -9.08 -8.28 -0.84
N PHE A 62 -8.30 -8.71 -1.81
CA PHE A 62 -7.88 -7.83 -2.91
C PHE A 62 -9.08 -7.19 -3.63
N PRO A 63 -9.10 -5.87 -3.81
CA PRO A 63 -10.15 -5.18 -4.52
C PRO A 63 -10.04 -5.32 -6.03
N GLY A 64 -11.05 -4.95 -6.80
CA GLY A 64 -11.00 -5.06 -8.27
C GLY A 64 -11.30 -6.48 -8.70
N GLU A 65 -11.44 -6.78 -9.97
CA GLU A 65 -11.72 -8.14 -10.47
C GLU A 65 -10.41 -8.85 -10.72
N VAL A 66 -9.90 -9.77 -9.92
CA VAL A 66 -8.60 -10.40 -10.02
C VAL A 66 -8.61 -11.43 -11.13
N ALA A 67 -7.81 -11.20 -12.16
CA ALA A 67 -7.82 -12.06 -13.37
C ALA A 67 -7.31 -13.46 -13.10
N CYS A 68 -7.93 -14.48 -13.73
CA CYS A 68 -7.36 -15.83 -13.52
C CYS A 68 -5.92 -15.89 -14.01
N THR A 69 -5.54 -15.18 -15.09
CA THR A 69 -4.14 -15.29 -15.54
C THR A 69 -3.18 -14.59 -14.60
N SER A 70 -3.64 -13.94 -13.51
CA SER A 70 -2.78 -13.39 -12.45
C SER A 70 -1.94 -14.52 -11.88
N CYS A 71 -2.51 -15.74 -11.78
CA CYS A 71 -1.72 -16.86 -11.29
C CYS A 71 -1.65 -18.00 -12.26
N HIS A 72 -2.66 -18.22 -13.09
CA HIS A 72 -2.64 -19.36 -14.03
C HIS A 72 -2.12 -18.99 -15.40
N SER A 73 -0.86 -19.17 -15.77
CA SER A 73 -0.56 -18.90 -17.18
C SER A 73 -0.99 -20.09 -18.04
N ALA A 74 -1.15 -19.95 -19.35
CA ALA A 74 -1.58 -21.10 -20.16
C ALA A 74 -0.43 -21.97 -20.66
N HIS A 75 0.54 -21.29 -21.25
CA HIS A 75 1.60 -22.01 -21.95
C HIS A 75 2.89 -22.12 -21.18
N GLU A 76 2.86 -21.80 -19.90
CA GLU A 76 4.09 -22.01 -19.11
C GLU A 76 3.66 -22.20 -17.67
N LYS A 77 4.52 -22.76 -16.84
CA LYS A 77 4.11 -22.92 -15.42
C LYS A 77 4.18 -21.50 -14.82
N SER A 78 3.38 -21.27 -13.81
CA SER A 78 3.41 -19.95 -13.19
C SER A 78 3.34 -20.13 -11.68
N MET A 79 3.33 -18.98 -11.03
CA MET A 79 3.40 -18.78 -9.62
C MET A 79 2.10 -18.23 -9.04
N VAL A 80 1.83 -18.61 -7.81
CA VAL A 80 0.67 -18.21 -7.03
C VAL A 80 0.96 -16.83 -6.45
N TYR A 81 0.14 -15.83 -6.71
CA TYR A 81 0.47 -14.48 -6.23
C TYR A 81 0.42 -14.35 -4.72
N CYS A 82 -0.36 -15.08 -3.97
CA CYS A 82 -0.35 -15.09 -2.50
C CYS A 82 0.99 -15.45 -1.93
N ASP A 83 1.83 -16.24 -2.57
CA ASP A 83 3.12 -16.64 -2.03
C ASP A 83 4.08 -15.49 -1.99
N SER A 84 3.80 -14.25 -2.49
CA SER A 84 4.86 -13.25 -2.32
C SER A 84 4.75 -12.69 -0.89
N CYS A 85 3.74 -13.04 -0.09
CA CYS A 85 3.62 -12.68 1.29
C CYS A 85 3.24 -13.76 2.32
N HIS A 86 2.57 -14.83 1.90
CA HIS A 86 2.19 -15.91 2.83
C HIS A 86 2.85 -17.20 2.38
N SER A 87 2.68 -18.27 3.17
CA SER A 87 3.08 -19.59 2.75
C SER A 87 1.94 -20.59 2.92
N PHE A 88 0.75 -20.37 2.42
CA PHE A 88 -0.33 -21.30 2.66
C PHE A 88 -0.03 -22.63 2.02
N ASP A 89 -0.84 -23.64 2.24
CA ASP A 89 -0.42 -24.94 1.64
C ASP A 89 -1.16 -25.09 0.32
N PHE A 90 -0.64 -24.77 -0.87
CA PHE A 90 -1.54 -24.79 -2.03
C PHE A 90 -1.10 -25.89 -2.98
N ASN A 91 -1.91 -26.32 -3.93
CA ASN A 91 -1.23 -27.32 -4.80
C ASN A 91 -1.69 -26.91 -6.19
N MET A 92 -1.26 -25.72 -6.66
CA MET A 92 -1.89 -25.29 -7.91
C MET A 92 -1.29 -26.08 -9.04
N PRO A 93 -2.09 -26.58 -9.94
CA PRO A 93 -1.56 -27.28 -11.08
C PRO A 93 -0.66 -26.30 -11.83
N TYR A 94 0.42 -26.79 -12.39
CA TYR A 94 1.45 -26.16 -13.15
C TYR A 94 2.16 -25.07 -12.36
N ALA A 95 2.08 -25.07 -11.02
CA ALA A 95 2.80 -24.12 -10.19
C ALA A 95 4.29 -24.15 -10.37
N LYS A 96 5.04 -23.16 -9.96
CA LYS A 96 6.45 -23.05 -9.85
C LYS A 96 6.64 -22.11 -8.65
N LYS A 97 7.74 -22.18 -7.96
CA LYS A 97 7.96 -21.39 -6.75
C LYS A 97 8.01 -19.88 -6.97
N TRP A 98 7.34 -19.14 -6.11
CA TRP A 98 7.29 -17.70 -6.19
C TRP A 98 8.68 -17.13 -6.34
N LEU A 99 8.98 -16.35 -7.36
CA LEU A 99 10.30 -15.72 -7.39
C LEU A 99 10.16 -14.52 -8.33
N ARG A 100 10.20 -13.34 -7.75
CA ARG A 100 10.05 -12.14 -8.58
C ARG A 100 11.41 -11.72 -9.14
N ASP A 101 11.64 -11.74 -10.43
CA ASP A 101 12.88 -11.18 -10.94
C ASP A 101 12.44 -10.25 -12.08
N GLU A 102 12.21 -8.98 -11.82
CA GLU A 102 11.71 -8.01 -12.81
C GLU A 102 12.91 -7.23 -13.24
N PRO A 103 13.28 -7.20 -14.50
CA PRO A 103 14.45 -6.42 -14.93
C PRO A 103 14.44 -4.96 -14.47
N THR A 104 15.60 -4.29 -14.29
CA THR A 104 15.52 -2.87 -13.87
C THR A 104 15.18 -2.04 -15.10
N ILE A 105 14.77 -0.79 -14.99
CA ILE A 105 14.62 0.05 -16.21
C ILE A 105 15.95 0.14 -16.93
N ALA A 106 17.06 0.23 -16.20
CA ALA A 106 18.41 0.16 -16.77
C ALA A 106 18.68 -1.09 -17.58
N GLU A 107 18.37 -2.29 -17.11
CA GLU A 107 18.60 -3.53 -17.87
C GLU A 107 17.70 -3.56 -19.10
N LEU A 108 16.57 -2.83 -19.07
CA LEU A 108 15.74 -2.71 -20.24
C LEU A 108 16.43 -1.88 -21.31
N ALA A 109 17.54 -1.18 -21.09
CA ALA A 109 18.31 -0.58 -22.16
C ALA A 109 18.66 -1.60 -23.25
N LYS A 110 18.96 -2.84 -22.90
CA LYS A 110 19.30 -3.88 -23.86
C LYS A 110 18.26 -4.04 -24.96
N ASP A 111 16.99 -3.72 -24.85
CA ASP A 111 16.01 -3.93 -25.89
C ASP A 111 16.04 -2.71 -26.80
N LYS A 112 17.21 -2.31 -27.32
CA LYS A 112 17.45 -1.18 -28.17
C LYS A 112 16.67 -1.21 -29.49
N SER A 113 16.62 -2.40 -30.08
CA SER A 113 15.93 -2.60 -31.32
C SER A 113 14.43 -2.66 -31.13
N GLU A 114 13.84 -3.37 -30.15
CA GLU A 114 12.39 -3.27 -30.05
C GLU A 114 11.96 -1.85 -29.68
N ARG A 115 12.67 -1.19 -28.78
CA ARG A 115 12.30 0.14 -28.33
C ARG A 115 12.20 1.09 -29.52
N GLN A 116 13.30 1.21 -30.21
CA GLN A 116 13.39 1.95 -31.49
C GLN A 116 12.28 1.66 -32.46
N ALA A 117 11.97 0.44 -32.81
CA ALA A 117 10.89 0.07 -33.69
C ALA A 117 9.57 0.64 -33.12
N ALA A 118 9.38 0.48 -31.79
CA ALA A 118 8.15 0.95 -31.22
C ALA A 118 8.10 2.47 -31.33
N LEU A 119 9.17 3.19 -31.06
CA LEU A 119 9.14 4.64 -31.15
C LEU A 119 9.06 5.26 -32.55
N ALA A 120 9.44 4.40 -33.53
CA ALA A 120 9.32 4.86 -34.95
C ALA A 120 7.91 4.60 -35.39
N SER A 121 7.15 3.68 -34.77
CA SER A 121 5.76 3.52 -35.18
C SER A 121 4.87 4.67 -34.71
N ALA A 122 3.67 4.69 -35.31
CA ALA A 122 2.64 5.63 -34.87
C ALA A 122 2.42 5.37 -33.37
N PRO A 123 1.94 6.33 -32.60
CA PRO A 123 1.57 6.06 -31.22
C PRO A 123 0.44 5.05 -31.31
N HIS A 124 0.32 4.18 -30.33
CA HIS A 124 -0.78 3.22 -30.27
C HIS A 124 -2.04 3.92 -29.83
N ASP A 125 -1.98 4.98 -29.02
CA ASP A 125 -3.12 5.79 -28.60
C ASP A 125 -2.59 7.19 -28.37
N THR A 126 -3.50 8.13 -28.46
CA THR A 126 -3.19 9.56 -28.29
C THR A 126 -4.24 10.06 -27.30
N VAL A 127 -3.86 10.48 -26.09
CA VAL A 127 -4.87 10.84 -25.10
C VAL A 127 -4.33 12.15 -24.53
N ASP A 128 -5.01 12.64 -23.51
CA ASP A 128 -4.49 13.83 -22.84
C ASP A 128 -3.51 13.42 -21.76
N VAL A 129 -3.90 12.42 -20.94
CA VAL A 129 -3.04 12.13 -19.79
C VAL A 129 -2.80 10.65 -19.56
N VAL A 130 -1.52 10.30 -19.24
CA VAL A 130 -1.29 8.86 -18.96
C VAL A 130 -1.01 8.73 -17.47
N VAL A 131 -1.67 7.92 -16.70
CA VAL A 131 -1.36 7.77 -15.26
C VAL A 131 -0.63 6.43 -15.06
N VAL A 132 0.55 6.57 -14.39
CA VAL A 132 1.35 5.34 -14.21
C VAL A 132 1.26 4.81 -12.77
N GLY A 133 0.61 3.69 -12.50
CA GLY A 133 0.43 3.06 -11.20
C GLY A 133 -1.00 3.04 -10.75
N SER A 134 -1.54 1.86 -10.40
CA SER A 134 -2.94 1.82 -9.96
C SER A 134 -3.02 1.71 -8.43
N GLY A 135 -2.18 2.43 -7.67
CA GLY A 135 -2.37 2.51 -6.18
C GLY A 135 -3.39 3.64 -5.86
N GLY A 136 -3.37 4.24 -4.66
CA GLY A 136 -4.26 5.30 -4.30
C GLY A 136 -4.08 6.57 -5.16
N ALA A 137 -2.83 6.97 -5.35
CA ALA A 137 -2.49 8.21 -6.00
C ALA A 137 -2.89 8.08 -7.48
N GLY A 138 -2.65 6.83 -7.97
CA GLY A 138 -2.88 6.65 -9.42
C GLY A 138 -4.36 6.70 -9.74
N PHE A 139 -5.25 5.95 -9.09
CA PHE A 139 -6.69 6.01 -9.37
C PHE A 139 -7.25 7.42 -9.12
N SER A 140 -6.77 8.08 -8.04
CA SER A 140 -7.30 9.40 -7.67
C SER A 140 -7.03 10.38 -8.82
N ALA A 141 -5.84 10.39 -9.37
CA ALA A 141 -5.43 11.22 -10.46
C ALA A 141 -6.18 10.86 -11.74
N ALA A 142 -6.31 9.59 -12.04
CA ALA A 142 -7.03 9.16 -13.22
C ALA A 142 -8.44 9.76 -13.12
N ILE A 143 -9.14 9.64 -12.00
CA ILE A 143 -10.51 10.09 -11.81
C ILE A 143 -10.63 11.61 -11.86
N SER A 144 -9.68 12.25 -11.24
CA SER A 144 -9.76 13.72 -11.22
C SER A 144 -9.33 14.40 -12.52
N ALA A 145 -8.49 13.82 -13.34
CA ALA A 145 -8.14 14.32 -14.66
C ALA A 145 -9.37 14.04 -15.52
N THR A 146 -9.96 12.82 -15.34
CA THR A 146 -11.16 12.59 -16.17
C THR A 146 -12.25 13.57 -15.79
N ASP A 147 -12.45 13.86 -14.47
CA ASP A 147 -13.56 14.74 -14.10
C ASP A 147 -13.23 16.19 -14.45
N SER A 148 -12.04 16.43 -14.94
CA SER A 148 -11.54 17.71 -15.38
C SER A 148 -11.56 17.87 -16.90
N GLY A 149 -12.25 16.93 -17.55
CA GLY A 149 -12.41 16.92 -18.99
C GLY A 149 -11.27 16.33 -19.78
N ALA A 150 -10.31 15.63 -19.23
CA ALA A 150 -9.16 15.07 -19.93
C ALA A 150 -9.44 13.57 -20.13
N LYS A 151 -9.03 13.03 -21.27
CA LYS A 151 -9.02 11.62 -21.55
C LYS A 151 -7.70 10.99 -21.05
N VAL A 152 -7.88 9.93 -20.28
CA VAL A 152 -6.84 9.24 -19.56
C VAL A 152 -6.70 7.77 -19.88
N ILE A 153 -5.49 7.27 -19.82
CA ILE A 153 -5.07 5.89 -19.83
C ILE A 153 -4.36 5.66 -18.46
N LEU A 154 -4.74 4.69 -17.64
CA LEU A 154 -4.14 4.34 -16.39
C LEU A 154 -3.41 2.98 -16.49
N ILE A 155 -2.09 2.92 -16.19
CA ILE A 155 -1.39 1.63 -16.37
C ILE A 155 -0.78 1.06 -15.10
N GLU A 156 -0.83 -0.30 -15.04
CA GLU A 156 -0.37 -1.02 -13.82
C GLU A 156 0.55 -2.15 -14.26
N LYS A 157 1.79 -2.22 -13.75
CA LYS A 157 2.66 -3.27 -14.24
C LYS A 157 2.34 -4.65 -13.63
N GLU A 158 1.81 -4.71 -12.43
CA GLU A 158 1.37 -5.95 -11.83
C GLU A 158 0.08 -6.47 -12.49
N PRO A 159 -0.32 -7.70 -12.19
CA PRO A 159 -1.53 -8.29 -12.73
C PRO A 159 -2.71 -7.87 -11.92
N VAL A 160 -2.50 -7.31 -10.72
CA VAL A 160 -3.62 -6.89 -9.88
C VAL A 160 -3.60 -5.40 -9.57
N ILE A 161 -4.72 -4.75 -9.31
CA ILE A 161 -4.63 -3.31 -8.97
C ILE A 161 -4.27 -3.04 -7.49
N GLY A 162 -4.04 -1.78 -7.11
CA GLY A 162 -3.99 -1.42 -5.74
C GLY A 162 -2.64 -1.22 -5.13
N GLY A 163 -1.56 -1.74 -5.69
CA GLY A 163 -0.23 -1.48 -5.12
C GLY A 163 -0.17 -1.83 -3.62
N ASN A 164 0.54 -1.01 -2.87
CA ASN A 164 0.58 -1.20 -1.42
C ASN A 164 -0.62 -0.53 -0.78
N ALA A 165 -1.37 0.31 -1.49
CA ALA A 165 -2.48 1.03 -0.87
C ALA A 165 -3.65 0.11 -0.50
N LYS A 166 -3.84 -1.00 -1.18
CA LYS A 166 -4.81 -2.03 -0.93
C LYS A 166 -4.48 -2.81 0.36
N LEU A 167 -3.30 -2.60 0.93
CA LEU A 167 -2.93 -3.23 2.20
C LEU A 167 -3.07 -2.32 3.41
N ALA A 168 -3.41 -1.04 3.23
CA ALA A 168 -3.51 -0.12 4.37
C ALA A 168 -4.56 -0.49 5.41
N ALA A 169 -4.22 -0.50 6.72
CA ALA A 169 -5.17 -0.85 7.77
C ALA A 169 -5.59 0.33 8.64
N GLY A 170 -4.62 0.83 9.38
CA GLY A 170 -4.78 1.91 10.34
C GLY A 170 -5.72 3.03 9.94
N GLY A 171 -5.56 3.65 8.77
CA GLY A 171 -6.46 4.80 8.61
C GLY A 171 -5.83 5.91 7.78
N MET A 172 -6.68 6.85 7.46
CA MET A 172 -6.23 8.01 6.66
C MET A 172 -6.29 9.27 7.53
N ASN A 173 -5.20 9.96 7.82
CA ASN A 173 -5.29 11.14 8.62
C ASN A 173 -6.04 12.29 7.92
N ALA A 174 -6.91 12.98 8.67
CA ALA A 174 -7.52 14.19 8.15
C ALA A 174 -7.94 15.03 9.40
N ALA A 175 -8.13 16.30 9.17
CA ALA A 175 -8.39 17.25 10.25
C ALA A 175 -9.23 18.41 9.63
N TRP A 176 -10.04 18.83 10.53
CA TRP A 176 -11.21 19.13 11.16
C TRP A 176 -12.45 18.67 10.47
N THR A 177 -12.53 17.33 10.41
CA THR A 177 -13.63 16.78 9.64
C THR A 177 -14.99 16.67 10.26
N ASP A 178 -16.04 16.46 9.46
CA ASP A 178 -17.36 16.19 10.05
C ASP A 178 -17.38 14.84 10.77
N GLN A 179 -16.61 13.86 10.32
CA GLN A 179 -16.53 12.58 10.99
C GLN A 179 -15.92 12.74 12.38
N GLN A 180 -14.84 13.46 12.52
CA GLN A 180 -14.22 13.74 13.80
C GLN A 180 -15.18 14.49 14.76
N LYS A 181 -15.95 15.47 14.26
CA LYS A 181 -16.86 16.23 15.07
C LYS A 181 -18.00 15.36 15.58
N ALA A 182 -18.44 14.40 14.77
CA ALA A 182 -19.50 13.50 15.20
C ALA A 182 -18.96 12.48 16.18
N LYS A 183 -17.66 12.41 16.28
CA LYS A 183 -17.04 11.47 17.20
C LYS A 183 -16.53 12.26 18.39
N LYS A 184 -17.00 13.49 18.46
CA LYS A 184 -16.70 14.45 19.50
C LYS A 184 -15.20 14.70 19.57
N ILE A 185 -14.54 14.70 18.38
CA ILE A 185 -13.12 14.94 18.32
C ILE A 185 -12.97 16.41 17.96
N THR A 186 -11.98 17.06 18.52
CA THR A 186 -11.66 18.44 18.29
C THR A 186 -10.24 18.45 17.71
N ASP A 187 -10.10 19.01 16.51
CA ASP A 187 -8.74 19.00 15.89
C ASP A 187 -8.57 20.23 15.02
N SER A 188 -7.54 20.42 14.22
CA SER A 188 -7.53 21.50 13.24
C SER A 188 -6.51 21.10 12.21
N PRO A 189 -6.46 21.73 11.03
CA PRO A 189 -5.41 21.45 10.06
C PRO A 189 -4.07 21.95 10.61
N GLU A 190 -4.13 22.99 11.47
CA GLU A 190 -2.92 23.48 12.12
C GLU A 190 -2.34 22.46 13.09
N LEU A 191 -3.12 21.69 13.87
CA LEU A 191 -2.55 20.65 14.77
C LEU A 191 -1.94 19.51 13.95
N MET A 192 -2.63 19.04 12.91
CA MET A 192 -2.12 18.02 11.97
C MET A 192 -0.83 18.47 11.30
N PHE A 193 -0.81 19.69 10.77
CA PHE A 193 0.47 20.21 10.23
C PHE A 193 1.62 20.12 11.23
N GLU A 194 1.30 20.68 12.42
CA GLU A 194 2.24 20.73 13.54
C GLU A 194 2.61 19.34 13.97
N ASP A 195 1.68 18.41 14.05
CA ASP A 195 2.10 17.05 14.43
C ASP A 195 3.02 16.46 13.33
N THR A 196 2.76 16.75 12.06
CA THR A 196 3.51 16.27 10.91
C THR A 196 4.94 16.78 10.88
N MET A 197 5.15 18.09 10.92
CA MET A 197 6.50 18.64 10.98
C MET A 197 7.34 18.06 12.14
N LYS A 198 6.76 18.11 13.31
CA LYS A 198 7.42 17.62 14.52
C LYS A 198 7.75 16.16 14.30
N GLY A 199 6.76 15.43 13.81
CA GLY A 199 6.85 14.04 13.46
C GLY A 199 7.98 13.79 12.47
N GLY A 200 8.13 14.56 11.41
CA GLY A 200 9.22 14.32 10.47
C GLY A 200 10.54 15.01 10.83
N GLN A 201 10.67 15.57 12.03
CA GLN A 201 11.84 16.23 12.55
C GLN A 201 12.14 17.60 11.94
N ASN A 202 11.13 18.31 11.49
CA ASN A 202 11.30 19.59 10.80
C ASN A 202 12.08 19.57 9.51
N ILE A 203 12.30 18.36 8.97
CA ILE A 203 12.93 18.21 7.67
C ILE A 203 11.94 18.32 6.53
N ASN A 204 10.67 18.01 6.79
CA ASN A 204 9.64 18.04 5.76
C ASN A 204 9.56 19.39 5.03
N ASP A 205 9.12 19.39 3.77
CA ASP A 205 8.93 20.63 3.06
C ASP A 205 7.61 21.21 3.54
N PRO A 206 7.67 22.38 4.18
CA PRO A 206 6.52 22.97 4.81
C PRO A 206 5.42 23.33 3.85
N ALA A 207 5.74 23.76 2.62
CA ALA A 207 4.65 24.04 1.69
C ALA A 207 3.91 22.73 1.37
N LEU A 208 4.61 21.61 1.30
CA LEU A 208 3.90 20.32 0.99
C LEU A 208 3.02 19.85 2.15
N VAL A 209 3.52 19.92 3.40
CA VAL A 209 2.73 19.57 4.58
C VAL A 209 1.48 20.44 4.72
N LYS A 210 1.68 21.73 4.41
CA LYS A 210 0.55 22.68 4.37
C LYS A 210 -0.42 22.19 3.33
N VAL A 211 -0.05 21.70 2.15
CA VAL A 211 -1.07 21.15 1.23
C VAL A 211 -1.70 19.92 1.89
N LEU A 212 -0.84 19.10 2.49
CA LEU A 212 -1.32 17.86 3.13
C LEU A 212 -2.39 18.13 4.16
N SER A 213 -2.06 19.05 5.10
CA SER A 213 -3.01 19.39 6.15
C SER A 213 -4.19 20.16 5.63
N SER A 214 -3.94 21.21 4.82
CA SER A 214 -5.09 22.04 4.41
C SER A 214 -6.03 21.29 3.49
N HIS A 215 -5.61 20.26 2.74
CA HIS A 215 -6.55 19.57 1.85
C HIS A 215 -7.13 18.28 2.39
N SER A 216 -6.70 17.82 3.58
CA SER A 216 -7.10 16.51 4.09
C SER A 216 -8.58 16.29 4.37
N LYS A 217 -9.24 17.39 4.79
CA LYS A 217 -10.67 17.28 5.07
C LYS A 217 -11.36 17.07 3.74
N ASP A 218 -11.02 17.98 2.80
CA ASP A 218 -11.49 17.85 1.44
C ASP A 218 -11.17 16.47 0.84
N SER A 219 -9.90 15.98 1.05
CA SER A 219 -9.66 14.63 0.51
C SER A 219 -10.64 13.59 1.07
N VAL A 220 -10.93 13.60 2.36
CA VAL A 220 -11.97 12.71 2.96
C VAL A 220 -13.38 12.92 2.45
N ASP A 221 -13.75 14.20 2.21
CA ASP A 221 -15.09 14.47 1.69
C ASP A 221 -15.21 13.99 0.24
N TRP A 222 -14.13 14.15 -0.56
CA TRP A 222 -14.07 13.63 -1.93
C TRP A 222 -14.36 12.14 -1.97
N MET A 223 -13.62 11.33 -1.23
CA MET A 223 -13.74 9.89 -1.13
C MET A 223 -15.14 9.48 -0.65
N THR A 224 -15.61 10.22 0.35
CA THR A 224 -16.91 9.91 0.97
C THR A 224 -17.98 10.28 -0.05
N ALA A 225 -17.81 11.44 -0.72
CA ALA A 225 -18.78 11.70 -1.82
C ALA A 225 -18.75 10.54 -2.83
N MET A 226 -17.68 9.78 -3.08
CA MET A 226 -17.67 8.71 -4.07
C MET A 226 -18.08 7.35 -3.56
N GLY A 227 -18.26 7.23 -2.26
CA GLY A 227 -18.89 6.08 -1.64
C GLY A 227 -18.12 5.49 -0.47
N ALA A 228 -16.97 6.05 -0.10
CA ALA A 228 -16.25 5.42 1.00
C ALA A 228 -16.95 5.75 2.31
N ASP A 229 -16.75 4.85 3.25
CA ASP A 229 -17.07 4.98 4.67
C ASP A 229 -15.77 5.22 5.47
N LEU A 230 -15.63 6.44 5.97
CA LEU A 230 -14.46 6.80 6.76
C LEU A 230 -14.85 7.44 8.08
N THR A 231 -15.88 6.92 8.72
CA THR A 231 -16.50 7.43 9.95
C THR A 231 -15.85 7.01 11.24
N ASP A 232 -15.10 5.87 11.21
CA ASP A 232 -14.37 5.39 12.40
C ASP A 232 -13.07 6.16 12.53
N VAL A 233 -12.81 6.74 13.71
CA VAL A 233 -11.65 7.66 13.78
C VAL A 233 -10.82 7.25 14.97
N GLY A 234 -9.63 6.74 14.74
CA GLY A 234 -8.84 6.14 15.78
C GLY A 234 -7.54 6.89 15.91
N MET A 235 -6.70 6.34 16.77
CA MET A 235 -5.42 7.04 17.00
C MET A 235 -4.22 6.25 16.50
N MET A 236 -3.17 6.94 16.05
CA MET A 236 -1.91 6.28 15.75
C MET A 236 -0.81 7.15 16.34
N GLY A 237 0.37 6.63 16.54
CA GLY A 237 1.46 7.38 17.14
C GLY A 237 1.94 8.65 16.50
N GLY A 238 2.06 9.66 17.38
CA GLY A 238 2.58 10.96 17.07
C GLY A 238 1.50 11.94 16.72
N ALA A 239 0.25 11.53 16.96
CA ALA A 239 -0.87 12.42 16.66
C ALA A 239 -1.36 12.99 18.01
N SER A 240 -1.83 14.24 17.99
CA SER A 240 -2.35 14.76 19.28
C SER A 240 -3.75 14.31 19.62
N VAL A 241 -4.57 14.02 18.65
CA VAL A 241 -5.96 13.63 18.86
C VAL A 241 -6.23 12.47 17.96
N ASN A 242 -7.40 11.83 18.09
CA ASN A 242 -7.64 10.72 17.15
C ASN A 242 -7.81 11.29 15.75
N ARG A 243 -7.07 10.91 14.72
CA ARG A 243 -7.46 11.49 13.41
C ARG A 243 -7.27 10.52 12.24
N ALA A 244 -7.17 9.25 12.52
CA ALA A 244 -7.10 8.19 11.52
C ALA A 244 -8.47 7.62 11.12
N HIS A 245 -9.00 8.06 9.94
CA HIS A 245 -10.31 7.68 9.48
C HIS A 245 -10.30 6.36 8.72
N ARG A 246 -11.32 5.52 8.96
CA ARG A 246 -11.39 4.19 8.36
C ARG A 246 -12.84 3.78 8.47
N PRO A 247 -13.25 2.72 7.83
CA PRO A 247 -14.65 2.28 7.88
C PRO A 247 -15.15 1.98 9.29
N THR A 248 -16.47 2.06 9.38
CA THR A 248 -17.20 1.70 10.59
C THR A 248 -16.68 0.43 11.27
N GLY A 249 -16.49 0.51 12.60
CA GLY A 249 -15.95 -0.55 13.44
C GLY A 249 -14.46 -0.88 13.36
N GLY A 250 -13.65 -0.04 12.70
CA GLY A 250 -12.21 -0.17 12.62
C GLY A 250 -11.75 -1.18 11.60
N ALA A 251 -12.44 -1.29 10.44
CA ALA A 251 -11.99 -2.23 9.43
C ALA A 251 -10.87 -1.50 8.68
N GLY A 252 -10.05 -2.24 7.94
CA GLY A 252 -8.96 -1.65 7.18
C GLY A 252 -9.29 -0.48 6.24
N VAL A 253 -8.41 0.51 6.16
CA VAL A 253 -8.75 1.62 5.25
C VAL A 253 -8.45 1.33 3.78
N GLY A 254 -7.42 0.53 3.52
CA GLY A 254 -6.85 0.27 2.25
C GLY A 254 -7.63 -0.36 1.11
N ALA A 255 -8.05 -1.60 1.37
CA ALA A 255 -8.82 -2.36 0.38
C ALA A 255 -10.13 -1.61 0.12
N HIS A 256 -10.77 -0.99 1.09
CA HIS A 256 -12.02 -0.28 0.91
C HIS A 256 -11.82 0.93 0.00
N VAL A 257 -10.86 1.80 0.35
CA VAL A 257 -10.62 2.96 -0.50
C VAL A 257 -10.23 2.48 -1.90
N VAL A 258 -9.37 1.46 -2.08
CA VAL A 258 -9.01 1.10 -3.46
C VAL A 258 -10.23 0.53 -4.19
N GLN A 259 -11.11 -0.20 -3.52
CA GLN A 259 -12.33 -0.65 -4.12
C GLN A 259 -13.24 0.57 -4.48
N VAL A 260 -13.44 1.59 -3.66
CA VAL A 260 -14.21 2.74 -4.04
C VAL A 260 -13.57 3.38 -5.30
N LEU A 261 -12.28 3.66 -5.29
CA LEU A 261 -11.67 4.30 -6.46
C LEU A 261 -11.84 3.46 -7.75
N TYR A 262 -11.65 2.17 -7.68
CA TYR A 262 -11.82 1.30 -8.80
C TYR A 262 -13.25 1.37 -9.31
N ASP A 263 -14.26 1.37 -8.41
CA ASP A 263 -15.64 1.44 -8.84
C ASP A 263 -15.89 2.76 -9.60
N ASN A 264 -15.33 3.82 -9.06
CA ASN A 264 -15.48 5.15 -9.61
C ASN A 264 -14.77 5.26 -10.94
N ALA A 265 -13.58 4.67 -11.07
CA ALA A 265 -12.90 4.63 -12.34
C ALA A 265 -13.78 3.91 -13.38
N VAL A 266 -14.33 2.78 -12.96
CA VAL A 266 -15.15 1.90 -13.83
C VAL A 266 -16.42 2.59 -14.31
N LYS A 267 -17.05 3.31 -13.36
CA LYS A 267 -18.26 4.04 -13.80
C LYS A 267 -17.86 5.06 -14.85
N ARG A 268 -16.69 5.70 -14.84
CA ARG A 268 -16.32 6.66 -15.84
C ARG A 268 -15.75 6.06 -17.11
N ASN A 269 -15.75 4.73 -17.21
CA ASN A 269 -15.10 4.04 -18.32
C ASN A 269 -13.64 4.40 -18.46
N ILE A 270 -12.92 4.48 -17.29
CA ILE A 270 -11.50 4.83 -17.42
C ILE A 270 -10.73 3.66 -17.99
N ASP A 271 -9.99 3.89 -19.05
CA ASP A 271 -9.14 2.92 -19.69
C ASP A 271 -7.95 2.52 -18.81
N LEU A 272 -8.02 1.39 -18.18
CA LEU A 272 -7.08 0.82 -17.21
C LEU A 272 -6.34 -0.35 -17.83
N ARG A 273 -5.05 -0.44 -18.00
CA ARG A 273 -4.42 -1.62 -18.62
C ARG A 273 -3.49 -2.27 -17.58
N MET A 274 -3.65 -3.55 -17.37
CA MET A 274 -2.85 -4.39 -16.47
C MET A 274 -1.70 -5.01 -17.25
N ASN A 275 -0.71 -5.54 -16.52
CA ASN A 275 0.48 -6.10 -17.04
C ASN A 275 1.12 -5.11 -18.03
N THR A 276 1.17 -3.82 -17.69
CA THR A 276 1.69 -2.79 -18.57
C THR A 276 2.58 -1.82 -17.81
N ARG A 277 3.87 -1.90 -18.07
CA ARG A 277 4.84 -1.09 -17.36
C ARG A 277 5.29 0.14 -18.11
N GLY A 278 5.18 1.29 -17.39
CA GLY A 278 5.79 2.54 -17.87
C GLY A 278 7.30 2.42 -17.77
N ILE A 279 7.97 2.64 -18.90
CA ILE A 279 9.40 2.56 -19.03
C ILE A 279 10.12 3.86 -19.24
N GLU A 280 9.65 4.71 -20.17
CA GLU A 280 10.35 5.98 -20.42
C GLU A 280 9.39 7.08 -20.85
N VAL A 281 9.49 8.16 -20.06
CA VAL A 281 8.78 9.38 -20.35
C VAL A 281 9.41 10.00 -21.60
N LEU A 282 8.56 10.29 -22.58
CA LEU A 282 9.14 10.82 -23.85
C LEU A 282 9.04 12.34 -23.90
N LYS A 283 10.08 13.05 -24.27
CA LYS A 283 9.97 14.51 -24.38
C LYS A 283 10.23 15.08 -25.77
N ASP A 284 9.59 16.23 -26.10
CA ASP A 284 9.75 16.89 -27.38
C ASP A 284 11.06 17.69 -27.43
N ASP A 285 11.30 18.49 -28.46
CA ASP A 285 12.48 19.28 -28.67
C ASP A 285 12.57 20.53 -27.79
N LYS A 286 11.59 20.73 -26.93
CA LYS A 286 11.67 21.86 -25.98
C LYS A 286 11.50 21.33 -24.56
N GLY A 287 11.76 20.00 -24.41
CA GLY A 287 11.92 19.31 -23.16
C GLY A 287 10.61 19.18 -22.42
N THR A 288 9.48 19.18 -23.08
CA THR A 288 8.19 19.01 -22.40
C THR A 288 7.69 17.61 -22.79
N VAL A 289 6.75 17.04 -22.01
CA VAL A 289 6.40 15.66 -22.29
C VAL A 289 5.54 15.55 -23.57
N LYS A 290 5.97 14.55 -24.38
CA LYS A 290 5.18 14.27 -25.56
C LYS A 290 4.53 12.89 -25.40
N GLY A 291 4.89 12.08 -24.41
CA GLY A 291 4.23 10.78 -24.28
C GLY A 291 5.04 9.85 -23.38
N ILE A 292 4.71 8.56 -23.49
CA ILE A 292 5.52 7.60 -22.74
C ILE A 292 5.64 6.28 -23.49
N LEU A 293 6.80 5.69 -23.41
CA LEU A 293 6.97 4.33 -23.99
C LEU A 293 6.60 3.29 -22.91
N VAL A 294 5.72 2.33 -23.13
CA VAL A 294 5.25 1.34 -22.22
C VAL A 294 5.63 -0.08 -22.69
N LYS A 295 5.59 -1.05 -21.75
CA LYS A 295 5.95 -2.42 -22.11
C LYS A 295 4.84 -3.33 -21.59
N GLY A 296 4.07 -3.79 -22.55
CA GLY A 296 2.96 -4.71 -22.31
C GLY A 296 3.63 -6.08 -22.15
N MET A 297 3.46 -6.72 -21.00
CA MET A 297 3.95 -8.08 -20.77
C MET A 297 3.50 -9.03 -21.93
N TYR A 298 2.27 -8.92 -22.44
CA TYR A 298 1.85 -9.78 -23.53
C TYR A 298 1.98 -9.22 -24.94
N LYS A 299 1.95 -7.95 -25.26
CA LYS A 299 1.98 -7.50 -26.65
C LYS A 299 3.19 -6.59 -26.94
N GLY A 300 4.17 -6.51 -26.02
CA GLY A 300 5.40 -5.84 -26.29
C GLY A 300 5.35 -4.37 -25.97
N TYR A 301 6.31 -3.66 -26.46
CA TYR A 301 6.50 -2.24 -26.36
C TYR A 301 5.60 -1.44 -27.29
N TYR A 302 5.16 -0.29 -26.91
CA TYR A 302 4.39 0.65 -27.64
C TYR A 302 4.39 1.93 -26.80
N TRP A 303 4.01 2.99 -27.54
CA TRP A 303 4.01 4.34 -26.90
C TRP A 303 2.64 4.95 -27.10
N VAL A 304 2.39 5.77 -26.11
CA VAL A 304 1.16 6.50 -25.92
C VAL A 304 1.58 7.99 -26.08
N LYS A 305 0.89 8.62 -27.08
CA LYS A 305 1.19 10.05 -27.23
C LYS A 305 0.39 10.86 -26.22
N ALA A 306 0.95 11.80 -25.46
CA ALA A 306 0.03 12.53 -24.53
C ALA A 306 0.68 13.84 -24.09
N ASP A 307 -0.14 14.80 -23.62
CA ASP A 307 0.52 15.99 -23.12
C ASP A 307 1.11 15.80 -21.72
N ALA A 308 0.48 14.91 -20.97
CA ALA A 308 0.92 14.82 -19.57
C ALA A 308 1.15 13.44 -19.06
N VAL A 309 2.18 13.17 -18.25
CA VAL A 309 2.43 11.90 -17.63
C VAL A 309 2.41 12.13 -16.11
N ILE A 310 1.57 11.41 -15.39
CA ILE A 310 1.56 11.35 -13.93
C ILE A 310 2.10 9.99 -13.45
N LEU A 311 3.19 10.07 -12.70
CA LEU A 311 3.94 9.03 -12.08
C LEU A 311 3.34 8.84 -10.68
N ALA A 312 2.68 7.72 -10.41
CA ALA A 312 2.07 7.42 -9.11
C ALA A 312 2.47 5.96 -8.79
N THR A 313 3.81 5.69 -8.86
CA THR A 313 4.27 4.32 -8.81
C THR A 313 4.64 3.82 -7.41
N GLY A 314 4.41 4.63 -6.37
CA GLY A 314 4.74 4.28 -5.01
C GLY A 314 6.20 4.10 -4.66
N GLY A 315 6.56 3.43 -3.55
CA GLY A 315 7.92 3.35 -3.08
C GLY A 315 8.86 2.23 -3.54
N PHE A 316 9.99 2.09 -2.84
CA PHE A 316 10.95 1.07 -3.13
C PHE A 316 11.28 0.24 -1.85
N ALA A 317 10.36 0.14 -0.91
CA ALA A 317 10.58 -0.53 0.34
C ALA A 317 10.74 -2.05 0.20
N LYS A 318 10.26 -2.61 -0.89
CA LYS A 318 10.47 -4.03 -1.12
C LYS A 318 11.90 -4.28 -1.54
N ASN A 319 12.59 -3.31 -2.10
CA ASN A 319 13.96 -3.39 -2.60
C ASN A 319 15.02 -3.26 -1.53
N ASN A 320 15.32 -4.31 -0.78
CA ASN A 320 16.32 -4.30 0.29
C ASN A 320 17.72 -3.96 -0.22
N GLU A 321 18.07 -4.23 -1.45
CA GLU A 321 19.43 -3.83 -1.89
C GLU A 321 19.57 -2.34 -1.97
N ARG A 322 18.57 -1.64 -2.52
CA ARG A 322 18.60 -0.18 -2.58
C ARG A 322 18.41 0.42 -1.18
N VAL A 323 17.46 -0.24 -0.49
CA VAL A 323 17.26 0.15 0.92
C VAL A 323 18.58 -0.01 1.64
N ALA A 324 19.24 -1.17 1.63
CA ALA A 324 20.53 -1.35 2.32
C ALA A 324 21.58 -0.30 1.93
N LYS A 325 21.65 0.10 0.68
CA LYS A 325 22.61 1.09 0.24
C LYS A 325 22.56 2.44 0.96
N LEU A 326 21.36 2.93 1.07
CA LEU A 326 20.98 4.16 1.71
C LEU A 326 20.94 4.06 3.23
N ASP A 327 20.45 2.99 3.79
CA ASP A 327 20.51 2.75 5.24
C ASP A 327 21.07 1.37 5.52
N PRO A 328 22.35 1.24 5.87
CA PRO A 328 22.97 -0.06 6.14
C PRO A 328 22.34 -0.82 7.28
N SER A 329 21.69 -0.07 8.19
CA SER A 329 21.06 -0.73 9.33
C SER A 329 19.83 -1.56 8.96
N LEU A 330 19.19 -1.37 7.82
CA LEU A 330 18.02 -2.14 7.44
C LEU A 330 18.30 -3.32 6.55
N LYS A 331 19.57 -3.60 6.22
CA LYS A 331 19.90 -4.72 5.39
C LYS A 331 19.47 -6.05 5.97
N GLY A 332 18.76 -6.84 5.15
CA GLY A 332 18.29 -8.17 5.56
C GLY A 332 16.97 -8.17 6.29
N PHE A 333 16.40 -7.03 6.59
CA PHE A 333 15.07 -6.98 7.22
C PHE A 333 13.98 -7.49 6.30
N ILE A 334 12.89 -8.09 6.73
CA ILE A 334 11.74 -8.42 5.93
C ILE A 334 11.01 -7.05 5.74
N SER A 335 10.09 -7.02 4.81
CA SER A 335 9.34 -5.84 4.45
C SER A 335 7.85 -6.12 4.44
N THR A 336 7.00 -5.14 4.63
CA THR A 336 5.55 -5.22 4.57
C THR A 336 5.00 -5.06 3.15
N ASN A 337 5.76 -4.74 2.13
CA ASN A 337 5.24 -4.40 0.82
C ASN A 337 4.83 -5.50 -0.16
N GLN A 338 4.11 -4.99 -1.19
CA GLN A 338 3.69 -5.84 -2.33
C GLN A 338 4.95 -6.11 -3.11
N PRO A 339 5.03 -7.17 -3.94
CA PRO A 339 6.28 -7.57 -4.58
C PRO A 339 6.80 -6.66 -5.64
N GLY A 340 6.01 -5.70 -6.20
CA GLY A 340 6.68 -4.86 -7.23
C GLY A 340 7.05 -3.49 -6.74
N ALA A 341 7.01 -3.23 -5.42
CA ALA A 341 7.32 -1.87 -4.83
C ALA A 341 8.81 -1.68 -4.68
N VAL A 342 9.52 -1.63 -5.82
CA VAL A 342 10.93 -1.71 -5.92
C VAL A 342 11.58 -0.46 -6.46
N GLY A 343 10.82 0.59 -6.75
CA GLY A 343 11.61 1.82 -7.12
C GLY A 343 11.76 2.13 -8.60
N ASP A 344 11.35 1.19 -9.46
CA ASP A 344 11.47 1.44 -10.92
C ASP A 344 10.75 2.73 -11.34
N GLY A 345 9.64 3.13 -10.72
CA GLY A 345 9.03 4.43 -11.10
C GLY A 345 9.97 5.58 -10.79
N LEU A 346 10.88 5.49 -9.83
CA LEU A 346 11.88 6.50 -9.52
C LEU A 346 12.93 6.68 -10.62
N ASP A 347 13.33 5.51 -11.16
CA ASP A 347 14.28 5.50 -12.28
C ASP A 347 13.66 6.19 -13.50
N VAL A 348 12.39 5.95 -13.79
CA VAL A 348 11.68 6.60 -14.87
C VAL A 348 11.70 8.14 -14.62
N ALA A 349 11.28 8.53 -13.41
CA ALA A 349 11.38 9.90 -12.99
C ALA A 349 12.76 10.49 -13.24
N GLU A 350 13.83 9.93 -12.67
CA GLU A 350 15.14 10.52 -12.92
C GLU A 350 15.54 10.60 -14.38
N ASN A 351 15.31 9.48 -15.13
CA ASN A 351 15.72 9.44 -16.54
C ASN A 351 15.00 10.58 -17.26
N ALA A 352 13.82 10.94 -16.81
CA ALA A 352 13.07 12.07 -17.33
C ALA A 352 13.62 13.42 -16.85
N GLY A 353 14.60 13.45 -15.97
CA GLY A 353 15.21 14.69 -15.50
C GLY A 353 14.70 15.09 -14.13
N GLY A 354 13.79 14.32 -13.56
CA GLY A 354 13.23 14.66 -12.25
C GLY A 354 14.35 14.50 -11.26
N ALA A 355 14.45 15.30 -10.21
CA ALA A 355 15.49 15.03 -9.23
C ALA A 355 14.83 14.40 -7.98
N LEU A 356 15.65 13.70 -7.22
CA LEU A 356 15.19 13.05 -6.01
C LEU A 356 15.71 13.82 -4.77
N LYS A 357 15.03 13.51 -3.67
CA LYS A 357 15.40 14.13 -2.39
C LYS A 357 14.83 13.31 -1.25
N ASP A 358 15.54 13.35 -0.14
CA ASP A 358 15.29 12.67 1.12
C ASP A 358 15.41 11.16 1.09
N MET A 359 16.12 10.62 0.10
CA MET A 359 16.15 9.21 -0.19
C MET A 359 16.67 8.32 0.94
N GLN A 360 17.54 8.84 1.80
CA GLN A 360 18.13 8.18 2.95
C GLN A 360 17.15 7.97 4.11
N TYR A 361 15.96 8.52 4.11
CA TYR A 361 14.99 8.32 5.15
C TYR A 361 14.01 7.18 4.87
N ILE A 362 14.34 6.05 5.49
CA ILE A 362 13.49 4.85 5.23
C ILE A 362 12.84 4.38 6.53
N GLN A 363 11.55 4.30 6.63
CA GLN A 363 10.80 3.90 7.79
C GLN A 363 10.63 2.38 7.88
N ALA A 364 10.97 1.88 9.08
CA ALA A 364 10.72 0.49 9.36
C ALA A 364 9.46 0.50 10.24
N HIS A 365 8.50 -0.31 9.87
CA HIS A 365 7.33 -0.44 10.72
C HIS A 365 7.74 -1.35 11.89
N PRO A 366 7.40 -0.93 13.10
CA PRO A 366 7.80 -1.59 14.32
C PRO A 366 7.14 -2.92 14.54
N THR A 367 5.89 -3.08 14.07
CA THR A 367 5.27 -4.37 14.44
C THR A 367 4.79 -5.23 13.28
N LEU A 368 5.72 -6.01 12.76
CA LEU A 368 5.36 -7.01 11.77
C LEU A 368 5.13 -8.30 12.60
N SER A 369 4.18 -9.10 12.12
CA SER A 369 3.96 -10.35 12.83
C SER A 369 5.13 -11.25 12.54
N VAL A 370 5.89 -11.67 13.58
CA VAL A 370 6.98 -12.63 13.35
C VAL A 370 6.35 -13.85 12.67
N LYS A 371 5.32 -14.42 13.27
CA LYS A 371 4.68 -15.61 12.71
C LYS A 371 4.25 -15.37 11.25
N GLY A 372 3.40 -14.41 10.95
CA GLY A 372 2.92 -14.30 9.57
C GLY A 372 3.69 -13.50 8.58
N GLY A 373 4.75 -12.79 9.02
CA GLY A 373 5.52 -11.92 8.17
C GLY A 373 4.72 -10.75 7.62
N VAL A 374 3.58 -10.33 8.09
CA VAL A 374 2.73 -9.28 7.60
C VAL A 374 2.58 -8.22 8.72
N MET A 375 2.39 -6.97 8.30
CA MET A 375 2.17 -5.87 9.16
C MET A 375 1.00 -6.09 10.13
N VAL A 376 1.20 -5.72 11.40
CA VAL A 376 0.08 -5.72 12.34
C VAL A 376 -0.17 -4.22 12.55
N THR A 377 -1.34 -3.74 12.18
CA THR A 377 -1.59 -2.30 12.27
C THR A 377 -1.24 -1.78 13.64
N GLU A 378 -0.68 -0.60 13.62
CA GLU A 378 -0.50 0.29 14.76
C GLU A 378 -1.86 0.69 15.30
N ALA A 379 -3.01 0.57 14.60
CA ALA A 379 -4.29 0.82 15.22
C ALA A 379 -4.53 -0.20 16.38
N VAL A 380 -3.90 -1.37 16.38
CA VAL A 380 -3.95 -2.28 17.52
C VAL A 380 -3.39 -1.54 18.77
N ARG A 381 -2.32 -0.78 18.73
CA ARG A 381 -1.85 -0.12 19.94
C ARG A 381 -2.65 1.16 20.17
N GLY A 382 -3.04 1.89 19.13
CA GLY A 382 -3.90 3.02 19.21
C GLY A 382 -5.26 2.77 19.85
N ASN A 383 -5.89 1.62 19.60
CA ASN A 383 -7.13 1.23 20.26
C ASN A 383 -6.90 0.62 21.66
N GLY A 384 -5.67 0.43 22.09
CA GLY A 384 -5.31 0.11 23.46
C GLY A 384 -4.25 -0.92 23.76
N ALA A 385 -3.72 -1.67 22.76
CA ALA A 385 -2.91 -2.83 23.11
C ALA A 385 -1.64 -2.34 23.81
N ILE A 386 -0.97 -3.20 24.56
CA ILE A 386 0.33 -2.75 25.12
C ILE A 386 1.44 -3.59 24.45
N LEU A 387 2.72 -3.34 24.63
CA LEU A 387 3.81 -4.16 24.18
C LEU A 387 4.55 -4.73 25.41
N VAL A 388 4.85 -6.04 25.46
CA VAL A 388 5.50 -6.57 26.63
C VAL A 388 6.69 -7.36 26.07
N ASN A 389 7.79 -7.45 26.79
CA ASN A 389 8.93 -8.24 26.37
C ASN A 389 8.78 -9.67 26.85
N ARG A 390 9.76 -10.53 26.68
CA ARG A 390 9.68 -11.91 27.15
C ARG A 390 9.69 -11.92 28.66
N GLU A 391 10.25 -10.92 29.33
CA GLU A 391 10.11 -10.91 30.81
C GLU A 391 8.72 -10.46 31.22
N GLY A 392 7.71 -10.30 30.35
CA GLY A 392 6.37 -9.92 30.79
C GLY A 392 6.10 -8.51 31.27
N LYS A 393 6.98 -7.59 30.89
CA LYS A 393 6.93 -6.18 31.22
C LYS A 393 6.76 -5.25 30.02
N ARG A 394 6.25 -4.06 30.33
CA ARG A 394 6.21 -2.99 29.35
C ARG A 394 7.64 -2.47 29.23
N PHE A 395 8.02 -1.89 28.11
CA PHE A 395 9.34 -1.40 27.86
C PHE A 395 9.34 -0.14 26.98
N VAL A 396 8.23 0.41 26.54
CA VAL A 396 8.22 1.59 25.67
C VAL A 396 6.83 2.18 25.64
N ASN A 397 6.72 3.45 25.32
CA ASN A 397 5.41 4.06 25.11
C ASN A 397 4.95 3.45 23.78
N GLU A 398 3.86 2.71 23.74
CA GLU A 398 3.49 2.01 22.52
C GLU A 398 3.05 2.92 21.39
N ILE A 399 2.68 4.17 21.65
CA ILE A 399 2.28 5.07 20.59
C ILE A 399 3.27 6.23 20.35
N THR A 400 4.53 5.85 20.59
CA THR A 400 5.64 6.68 20.21
C THR A 400 5.95 6.47 18.70
N THR A 401 6.91 7.27 18.22
CA THR A 401 7.21 7.28 16.78
C THR A 401 7.86 5.94 16.39
N ARG A 402 7.79 5.70 15.10
CA ARG A 402 8.16 4.37 14.56
C ARG A 402 9.60 3.97 14.78
N ASP A 403 10.48 4.93 14.62
CA ASP A 403 11.91 4.89 14.83
C ASP A 403 12.18 4.44 16.28
N LYS A 404 11.54 5.11 17.23
CA LYS A 404 11.73 4.77 18.62
C LYS A 404 11.20 3.41 18.98
N ALA A 405 10.00 3.13 18.49
CA ALA A 405 9.32 1.86 18.83
C ALA A 405 10.08 0.74 18.18
N SER A 406 10.60 0.93 16.97
CA SER A 406 11.37 -0.18 16.38
C SER A 406 12.64 -0.46 17.15
N ALA A 407 13.29 0.64 17.58
CA ALA A 407 14.53 0.49 18.33
C ALA A 407 14.27 -0.19 19.70
N ALA A 408 13.25 0.21 20.43
CA ALA A 408 12.97 -0.44 21.72
C ALA A 408 12.66 -1.92 21.53
N ILE A 409 11.93 -2.29 20.46
CA ILE A 409 11.62 -3.70 20.23
C ILE A 409 12.85 -4.52 19.89
N LEU A 410 13.66 -3.96 19.01
CA LEU A 410 14.87 -4.78 18.73
C LEU A 410 15.70 -4.92 20.00
N ALA A 411 15.69 -3.99 20.95
CA ALA A 411 16.53 -4.16 22.14
C ALA A 411 16.00 -5.18 23.12
N GLN A 412 14.84 -5.77 23.00
CA GLN A 412 14.31 -6.70 23.93
C GLN A 412 14.88 -8.10 23.70
N THR A 413 14.77 -8.94 24.73
CA THR A 413 15.23 -10.29 24.72
C THR A 413 14.53 -11.01 23.52
N GLY A 414 15.41 -11.44 22.59
CA GLY A 414 14.90 -12.16 21.44
C GLY A 414 14.73 -11.24 20.24
N LYS A 415 14.81 -9.93 20.47
CA LYS A 415 14.74 -8.96 19.39
C LYS A 415 13.29 -8.88 18.87
N SER A 416 12.37 -9.28 19.76
CA SER A 416 10.97 -9.16 19.34
C SER A 416 10.18 -8.86 20.57
N ALA A 417 8.91 -8.58 20.43
CA ALA A 417 8.05 -8.23 21.54
C ALA A 417 6.67 -8.77 21.22
N TYR A 418 5.80 -8.60 22.19
CA TYR A 418 4.45 -9.12 22.05
C TYR A 418 3.34 -8.08 22.17
N LEU A 419 2.41 -7.99 21.20
CA LEU A 419 1.29 -7.09 21.48
C LEU A 419 0.38 -7.86 22.46
N ILE A 420 -0.17 -7.13 23.46
CA ILE A 420 -1.03 -7.83 24.41
C ILE A 420 -2.38 -7.15 24.54
N PHE A 421 -3.55 -7.79 24.43
CA PHE A 421 -4.79 -7.04 24.53
C PHE A 421 -5.95 -7.96 24.92
N ASP A 422 -7.16 -7.46 25.08
CA ASP A 422 -8.32 -8.27 25.49
C ASP A 422 -9.46 -8.15 24.46
N ASP A 423 -10.64 -8.66 24.85
CA ASP A 423 -11.77 -8.60 23.93
C ASP A 423 -12.25 -7.16 23.89
N SER A 424 -12.11 -6.29 24.90
CA SER A 424 -12.54 -4.92 24.60
C SER A 424 -11.72 -4.33 23.43
N VAL A 425 -10.43 -4.52 23.30
CA VAL A 425 -9.66 -3.97 22.17
C VAL A 425 -10.04 -4.68 20.85
N ARG A 426 -10.15 -6.00 20.90
CA ARG A 426 -10.54 -6.81 19.78
C ARG A 426 -11.83 -6.28 19.10
N LYS A 427 -12.89 -6.20 19.86
CA LYS A 427 -14.19 -5.71 19.46
C LYS A 427 -14.12 -4.28 19.03
N SER A 428 -13.24 -3.48 19.59
CA SER A 428 -13.18 -2.08 19.11
C SER A 428 -12.53 -2.04 17.72
N LEU A 429 -11.84 -3.05 17.22
CA LEU A 429 -11.14 -2.82 15.90
C LEU A 429 -11.29 -4.06 15.04
N SER A 430 -12.25 -4.14 14.12
CA SER A 430 -12.56 -5.37 13.40
C SER A 430 -11.40 -6.02 12.66
N LYS A 431 -10.44 -5.22 12.19
CA LYS A 431 -9.18 -5.63 11.64
C LYS A 431 -8.43 -6.71 12.43
N ILE A 432 -8.55 -6.69 13.75
CA ILE A 432 -7.93 -7.66 14.64
C ILE A 432 -8.50 -9.01 14.33
N ASP A 433 -9.79 -9.09 13.98
CA ASP A 433 -10.26 -10.44 13.62
C ASP A 433 -9.55 -10.90 12.35
N LYS A 434 -8.87 -10.12 11.50
CA LYS A 434 -8.11 -10.69 10.40
C LYS A 434 -6.86 -11.42 10.93
N TYR A 435 -6.23 -10.90 11.99
CA TYR A 435 -5.00 -11.48 12.54
C TYR A 435 -5.29 -12.75 13.29
N ILE A 436 -6.39 -12.82 14.01
CA ILE A 436 -6.91 -14.04 14.62
C ILE A 436 -7.19 -15.07 13.53
N GLY A 437 -7.81 -14.63 12.43
CA GLY A 437 -8.00 -15.53 11.29
C GLY A 437 -6.70 -15.96 10.66
N LEU A 438 -5.61 -15.21 10.61
CA LEU A 438 -4.37 -15.70 10.02
C LEU A 438 -3.65 -16.74 10.85
N GLY A 439 -4.05 -16.96 12.10
CA GLY A 439 -3.37 -17.77 13.10
C GLY A 439 -2.27 -17.03 13.88
N VAL A 440 -2.15 -15.70 13.93
CA VAL A 440 -1.10 -14.95 14.57
C VAL A 440 -1.44 -14.30 15.91
N ALA A 441 -2.60 -14.54 16.45
CA ALA A 441 -2.98 -14.00 17.74
C ALA A 441 -3.48 -15.09 18.71
N PRO A 442 -2.59 -15.90 19.27
CA PRO A 442 -2.93 -16.88 20.28
C PRO A 442 -3.72 -16.19 21.40
N THR A 443 -4.63 -16.93 22.06
CA THR A 443 -5.48 -16.41 23.09
C THR A 443 -5.62 -17.35 24.28
N ALA A 444 -6.04 -16.84 25.44
CA ALA A 444 -6.27 -17.68 26.59
C ALA A 444 -7.06 -16.85 27.59
N ASP A 445 -7.73 -17.55 28.54
CA ASP A 445 -8.55 -16.77 29.46
C ASP A 445 -7.74 -16.27 30.64
N SER A 446 -6.42 -16.35 30.63
CA SER A 446 -5.70 -15.74 31.73
C SER A 446 -4.30 -15.46 31.19
N LEU A 447 -3.76 -14.34 31.69
CA LEU A 447 -2.40 -13.97 31.25
C LEU A 447 -1.38 -15.00 31.67
N VAL A 448 -1.60 -15.67 32.79
CA VAL A 448 -0.81 -16.81 33.27
C VAL A 448 -0.78 -17.89 32.19
N LYS A 449 -1.86 -18.41 31.68
CA LYS A 449 -1.79 -19.36 30.57
C LYS A 449 -1.26 -18.80 29.27
N LEU A 450 -1.72 -17.57 28.89
CA LEU A 450 -1.21 -16.98 27.62
C LEU A 450 0.30 -16.91 27.67
N GLY A 451 0.86 -16.46 28.81
CA GLY A 451 2.35 -16.41 28.90
C GLY A 451 3.00 -17.78 28.86
N LYS A 452 2.33 -18.83 29.34
CA LYS A 452 2.96 -20.16 29.30
C LYS A 452 3.06 -20.60 27.86
N MET A 453 2.00 -20.31 27.12
CA MET A 453 1.91 -20.67 25.70
C MET A 453 3.02 -20.00 24.90
N GLU A 454 3.26 -18.69 25.15
CA GLU A 454 4.19 -17.94 24.32
C GLU A 454 5.60 -17.73 24.86
N GLY A 455 5.95 -18.29 26.00
CA GLY A 455 7.28 -18.02 26.51
C GLY A 455 7.37 -16.65 27.22
N ILE A 456 6.26 -16.15 27.74
CA ILE A 456 6.32 -14.91 28.47
C ILE A 456 6.15 -15.28 29.97
N ASP A 457 6.85 -14.55 30.84
CA ASP A 457 6.75 -14.75 32.28
C ASP A 457 5.32 -14.44 32.72
N GLY A 458 4.61 -15.49 33.11
CA GLY A 458 3.19 -15.40 33.40
C GLY A 458 2.72 -14.55 34.55
N LYS A 459 3.50 -14.68 35.63
CA LYS A 459 3.09 -13.89 36.82
C LYS A 459 3.56 -12.46 36.60
N ALA A 460 4.65 -12.31 35.86
CA ALA A 460 5.10 -10.92 35.62
C ALA A 460 4.04 -10.25 34.74
N LEU A 461 3.66 -10.90 33.63
CA LEU A 461 2.62 -10.38 32.73
C LEU A 461 1.35 -9.96 33.46
N THR A 462 0.86 -10.80 34.38
CA THR A 462 -0.36 -10.57 35.11
C THR A 462 -0.23 -9.30 35.93
N GLU A 463 0.91 -9.08 36.59
CA GLU A 463 1.12 -7.86 37.40
C GLU A 463 1.38 -6.67 36.49
N THR A 464 1.95 -6.88 35.30
CA THR A 464 2.10 -5.76 34.34
C THR A 464 0.79 -5.18 33.87
N VAL A 465 -0.19 -6.03 33.54
CA VAL A 465 -1.49 -5.66 33.02
C VAL A 465 -2.28 -5.01 34.14
N ALA A 466 -2.27 -5.71 35.28
CA ALA A 466 -2.81 -5.08 36.48
C ALA A 466 -2.13 -3.74 36.68
N ARG A 467 -0.84 -3.51 36.54
CA ARG A 467 -0.39 -2.13 36.74
C ARG A 467 -0.87 -1.16 35.66
N TYR A 468 -0.86 -1.64 34.42
CA TYR A 468 -1.27 -0.82 33.30
C TYR A 468 -2.69 -0.31 33.55
N ASN A 469 -3.65 -1.18 33.87
CA ASN A 469 -5.05 -0.86 34.03
C ASN A 469 -5.25 0.20 35.11
N SER A 470 -4.40 0.07 36.15
CA SER A 470 -4.41 1.08 37.22
C SER A 470 -3.87 2.40 36.67
N LEU A 471 -2.90 2.36 35.76
CA LEU A 471 -2.43 3.54 35.06
C LEU A 471 -3.51 4.09 34.17
N VAL A 472 -4.30 3.22 33.55
CA VAL A 472 -5.39 3.70 32.69
C VAL A 472 -6.36 4.46 33.60
N SER A 473 -6.75 3.74 34.67
CA SER A 473 -7.77 4.29 35.55
C SER A 473 -7.25 5.57 36.16
N SER A 474 -6.02 5.67 36.65
CA SER A 474 -5.60 6.97 37.18
C SER A 474 -5.39 8.00 36.07
N GLY A 475 -5.21 7.64 34.83
CA GLY A 475 -5.12 8.60 33.72
C GLY A 475 -3.73 9.07 33.33
N LYS A 476 -2.72 8.55 34.00
CA LYS A 476 -1.37 9.00 33.66
C LYS A 476 -0.45 7.79 33.55
N ASP A 477 0.27 7.70 32.43
CA ASP A 477 1.28 6.64 32.36
C ASP A 477 2.56 7.25 32.88
N THR A 478 2.85 7.05 34.18
CA THR A 478 4.10 7.55 34.76
C THR A 478 5.26 6.62 34.54
N ASP A 479 5.02 5.43 33.95
CA ASP A 479 6.10 4.52 33.62
C ASP A 479 6.71 4.94 32.28
N PHE A 480 5.90 5.02 31.20
CA PHE A 480 6.48 5.25 29.89
C PHE A 480 5.86 6.48 29.26
N GLU A 481 4.99 7.17 29.99
CA GLU A 481 4.31 8.35 29.50
C GLU A 481 3.60 8.22 28.15
N ARG A 482 2.92 7.09 27.94
CA ARG A 482 2.00 6.98 26.81
C ARG A 482 0.86 8.00 27.10
N PRO A 483 0.68 8.95 26.17
CA PRO A 483 -0.26 10.04 26.31
C PRO A 483 -1.73 9.74 26.13
N ASN A 484 -2.08 8.60 25.60
CA ASN A 484 -3.49 8.28 25.31
C ASN A 484 -3.70 6.86 25.84
N LEU A 485 -4.63 6.64 26.77
CA LEU A 485 -4.76 5.29 27.36
C LEU A 485 -6.26 5.04 27.35
N PRO A 486 -6.74 4.53 26.20
CA PRO A 486 -8.15 4.47 25.96
C PRO A 486 -8.91 3.34 26.58
N ARG A 487 -8.21 2.26 26.95
CA ARG A 487 -9.04 1.13 27.41
C ARG A 487 -8.29 0.33 28.44
N ALA A 488 -9.02 -0.17 29.42
CA ALA A 488 -8.38 -1.03 30.45
C ALA A 488 -8.19 -2.39 29.83
N LEU A 489 -7.19 -3.25 30.03
CA LEU A 489 -7.21 -4.55 29.35
C LEU A 489 -7.76 -5.58 30.34
N ASN A 490 -9.08 -5.65 30.36
CA ASN A 490 -9.76 -6.51 31.34
C ASN A 490 -11.04 -7.15 30.87
N GLU A 491 -11.31 -7.32 29.59
CA GLU A 491 -12.54 -7.93 29.16
C GLU A 491 -12.34 -9.20 28.34
N GLY A 492 -13.10 -10.17 28.83
CA GLY A 492 -13.17 -11.47 28.15
C GLY A 492 -11.76 -12.05 28.13
N ASN A 493 -11.28 -12.62 27.03
CA ASN A 493 -10.00 -13.24 26.93
C ASN A 493 -8.81 -12.36 26.60
N TYR A 494 -7.61 -12.93 26.68
CA TYR A 494 -6.41 -12.15 26.42
C TYR A 494 -5.77 -12.65 25.15
N TYR A 495 -4.98 -11.86 24.44
CA TYR A 495 -4.38 -12.28 23.19
C TYR A 495 -2.95 -11.73 23.11
N ALA A 496 -2.06 -12.48 22.47
CA ALA A 496 -0.70 -12.04 22.32
C ALA A 496 -0.38 -12.13 20.82
N ILE A 497 0.38 -11.14 20.29
CA ILE A 497 0.90 -11.27 18.92
C ILE A 497 2.38 -10.95 18.94
N GLU A 498 3.22 -11.85 18.43
CA GLU A 498 4.66 -11.60 18.48
C GLU A 498 4.98 -10.72 17.26
N VAL A 499 5.72 -9.64 17.45
CA VAL A 499 5.94 -8.58 16.49
C VAL A 499 7.42 -8.22 16.44
N THR A 500 7.89 -7.69 15.30
CA THR A 500 9.29 -7.27 15.13
C THR A 500 9.29 -6.33 13.94
N PRO A 501 10.19 -5.39 13.79
CA PRO A 501 10.28 -4.44 12.72
C PRO A 501 10.53 -4.99 11.31
N GLY A 502 9.98 -4.33 10.30
CA GLY A 502 10.14 -4.63 8.87
C GLY A 502 10.19 -3.33 8.03
N VAL A 503 10.89 -3.35 6.91
CA VAL A 503 11.01 -2.16 6.05
C VAL A 503 9.62 -1.85 5.56
N HIS A 504 9.19 -0.59 5.64
CA HIS A 504 7.83 -0.32 5.25
C HIS A 504 7.54 0.81 4.27
N HIS A 505 8.22 1.94 4.32
CA HIS A 505 7.80 3.09 3.54
C HIS A 505 9.06 3.85 3.18
N THR A 506 9.11 4.44 2.00
CA THR A 506 10.33 5.22 1.74
C THR A 506 9.98 6.68 1.78
N MET A 507 10.30 7.53 2.71
CA MET A 507 9.93 8.95 2.64
C MET A 507 10.65 9.74 1.57
N GLY A 508 11.75 9.36 0.96
CA GLY A 508 12.25 10.19 -0.14
C GLY A 508 11.75 9.85 -1.53
N GLY A 509 11.93 10.67 -2.56
CA GLY A 509 11.55 10.39 -3.92
C GLY A 509 11.67 11.59 -4.84
N VAL A 510 10.82 11.62 -5.87
CA VAL A 510 10.89 12.68 -6.83
C VAL A 510 10.45 13.99 -6.11
N MET A 511 11.14 15.01 -6.57
CA MET A 511 10.95 16.36 -5.96
C MET A 511 9.76 16.98 -6.59
N ILE A 512 8.69 17.34 -5.90
CA ILE A 512 7.50 17.91 -6.53
C ILE A 512 7.23 19.26 -5.83
N ASP A 513 6.56 20.13 -6.54
CA ASP A 513 6.22 21.44 -5.95
C ASP A 513 4.79 21.25 -5.45
N THR A 514 4.12 22.34 -5.08
CA THR A 514 2.78 22.25 -4.56
C THR A 514 1.70 21.87 -5.52
N LYS A 515 1.92 21.92 -6.81
CA LYS A 515 0.98 21.52 -7.85
C LYS A 515 1.28 20.12 -8.38
N ALA A 516 2.19 19.40 -7.75
CA ALA A 516 2.63 18.05 -8.02
C ALA A 516 3.47 17.99 -9.29
N GLU A 517 4.12 19.08 -9.65
CA GLU A 517 4.96 19.12 -10.79
C GLU A 517 6.34 18.62 -10.36
N VAL A 518 6.88 17.77 -11.19
CA VAL A 518 8.20 17.25 -10.92
C VAL A 518 9.19 18.35 -11.28
N MET A 519 10.22 18.55 -10.47
CA MET A 519 11.22 19.52 -10.80
C MET A 519 12.57 18.84 -10.95
N ASN A 520 13.49 19.55 -11.62
CA ASN A 520 14.87 19.04 -11.73
C ASN A 520 15.67 19.49 -10.54
N ALA A 521 16.98 19.27 -10.58
CA ALA A 521 17.95 19.60 -9.55
C ALA A 521 18.14 21.11 -9.38
N LYS A 522 17.83 21.94 -10.38
CA LYS A 522 17.78 23.39 -10.28
C LYS A 522 16.42 23.85 -9.72
N LYS A 523 15.49 22.89 -9.60
CA LYS A 523 14.16 23.24 -9.14
C LYS A 523 13.38 23.92 -10.26
N GLN A 524 13.62 23.46 -11.49
CA GLN A 524 12.91 23.94 -12.66
C GLN A 524 11.81 22.93 -12.96
N VAL A 525 10.60 23.34 -13.20
CA VAL A 525 9.50 22.45 -13.47
C VAL A 525 9.71 21.71 -14.79
N ILE A 526 9.45 20.39 -14.82
CA ILE A 526 9.62 19.74 -16.13
C ILE A 526 8.24 19.74 -16.75
N PRO A 527 8.04 20.46 -17.86
CA PRO A 527 6.64 20.64 -18.25
C PRO A 527 5.98 19.34 -18.65
N GLY A 528 4.78 19.11 -18.12
CA GLY A 528 4.00 17.93 -18.48
C GLY A 528 4.22 16.72 -17.55
N LEU A 529 5.21 16.74 -16.65
CA LEU A 529 5.57 15.65 -15.79
C LEU A 529 5.07 15.92 -14.38
N TYR A 530 4.19 15.05 -13.82
CA TYR A 530 3.72 15.15 -12.45
C TYR A 530 4.11 13.91 -11.64
N GLY A 531 4.02 14.03 -10.31
CA GLY A 531 4.47 13.06 -9.35
C GLY A 531 3.50 13.00 -8.21
N ALA A 532 2.95 11.87 -7.77
CA ALA A 532 2.04 11.88 -6.64
C ALA A 532 2.22 10.62 -5.78
N GLY A 533 2.15 10.82 -4.47
CA GLY A 533 2.19 9.75 -3.50
C GLY A 533 3.56 9.32 -3.04
N GLU A 534 3.66 8.11 -2.56
CA GLU A 534 4.95 7.62 -2.01
C GLU A 534 6.11 7.67 -2.97
N VAL A 535 5.94 7.82 -4.29
CA VAL A 535 7.05 8.04 -5.20
C VAL A 535 7.66 9.42 -4.96
N THR A 536 6.98 10.39 -4.39
CA THR A 536 7.52 11.71 -4.06
C THR A 536 8.24 11.77 -2.72
N GLY A 537 9.19 12.68 -2.60
CA GLY A 537 9.90 13.09 -1.44
C GLY A 537 9.52 14.53 -1.08
N GLY A 538 9.67 14.76 0.21
CA GLY A 538 9.45 16.12 0.75
C GLY A 538 8.20 16.28 1.57
N VAL A 539 7.24 15.36 1.45
CA VAL A 539 6.04 15.45 2.23
C VAL A 539 6.17 15.06 3.71
N HIS A 540 6.80 13.94 3.97
CA HIS A 540 6.95 13.27 5.22
C HIS A 540 8.28 13.46 5.91
N GLY A 541 9.21 14.22 5.35
CA GLY A 541 10.47 14.46 6.06
C GLY A 541 11.18 13.20 6.45
N ALA A 542 11.82 13.20 7.64
CA ALA A 542 12.61 12.13 8.12
C ALA A 542 11.85 10.98 8.71
N ASN A 543 10.53 11.17 8.88
CA ASN A 543 9.71 10.19 9.56
C ASN A 543 8.25 10.53 9.31
N ARG A 544 7.54 9.57 8.69
CA ARG A 544 6.12 9.79 8.39
C ARG A 544 5.28 9.32 9.57
N LEU A 545 4.16 9.98 9.83
CA LEU A 545 3.27 9.57 10.89
C LEU A 545 2.29 8.52 10.38
N GLY A 546 1.97 7.51 11.19
CA GLY A 546 0.98 6.51 10.71
C GLY A 546 -0.25 7.24 10.26
N GLY A 547 -0.82 6.84 9.08
CA GLY A 547 -2.04 7.48 8.59
C GLY A 547 -1.84 8.61 7.58
N ASN A 548 -0.61 9.14 7.50
CA ASN A 548 -0.33 10.27 6.64
C ASN A 548 -0.11 9.79 5.18
N ALA A 549 0.17 8.50 4.96
CA ALA A 549 0.40 8.13 3.53
C ALA A 549 -0.92 8.01 2.79
N ILE A 550 -1.99 7.46 3.33
CA ILE A 550 -3.22 7.39 2.54
C ILE A 550 -3.74 8.82 2.40
N SER A 551 -3.57 9.73 3.37
CA SER A 551 -3.98 11.11 3.19
C SER A 551 -3.19 11.70 2.04
N ASP A 552 -1.89 11.56 1.97
CA ASP A 552 -1.02 12.05 0.91
C ASP A 552 -1.41 11.51 -0.47
N ILE A 553 -1.77 10.22 -0.58
CA ILE A 553 -2.04 9.73 -1.94
C ILE A 553 -3.33 10.32 -2.52
N ILE A 554 -4.34 10.49 -1.73
CA ILE A 554 -5.61 10.99 -2.19
C ILE A 554 -5.47 12.47 -2.53
N THR A 555 -4.83 13.18 -1.62
CA THR A 555 -4.63 14.61 -1.84
C THR A 555 -3.72 14.88 -3.03
N PHE A 556 -2.52 14.25 -3.04
CA PHE A 556 -1.61 14.65 -4.12
C PHE A 556 -2.00 13.99 -5.41
N GLY A 557 -2.70 12.85 -5.32
CA GLY A 557 -3.13 12.23 -6.59
C GLY A 557 -4.16 13.14 -7.25
N ARG A 558 -5.11 13.61 -6.44
CA ARG A 558 -6.25 14.35 -6.96
C ARG A 558 -5.82 15.59 -7.74
N LEU A 559 -5.02 16.29 -6.96
CA LEU A 559 -4.43 17.53 -7.41
C LEU A 559 -3.57 17.36 -8.64
N ALA A 560 -2.72 16.32 -8.73
CA ALA A 560 -1.90 16.16 -9.92
C ALA A 560 -2.78 15.95 -11.16
N GLY A 561 -3.86 15.20 -10.96
CA GLY A 561 -4.82 14.88 -11.97
C GLY A 561 -5.46 16.14 -12.54
N GLU A 562 -5.88 17.01 -11.64
CA GLU A 562 -6.52 18.27 -11.99
C GLU A 562 -5.53 19.19 -12.69
N GLU A 563 -4.31 19.23 -12.13
CA GLU A 563 -3.30 20.12 -12.71
C GLU A 563 -2.87 19.62 -14.08
N ALA A 564 -2.77 18.29 -14.23
CA ALA A 564 -2.38 17.74 -15.51
C ALA A 564 -3.52 17.99 -16.50
N ALA A 565 -4.77 17.99 -16.13
CA ALA A 565 -5.85 18.18 -17.08
C ALA A 565 -5.87 19.61 -17.59
N LYS A 566 -5.69 20.61 -16.75
CA LYS A 566 -5.60 22.03 -17.03
C LYS A 566 -4.45 22.44 -17.95
N TYR A 567 -3.30 21.89 -17.52
CA TYR A 567 -2.08 22.01 -18.29
C TYR A 567 -2.35 21.48 -19.69
N SER A 568 -2.92 20.28 -19.74
CA SER A 568 -3.63 19.65 -20.79
C SER A 568 -3.39 18.22 -21.17
NA NA B . 8.55 8.75 -0.79
CHA HEM C . -0.79 -17.15 -25.45
CHB HEM C . -1.46 -20.00 -29.30
CHC HEM C . -4.32 -22.90 -26.73
CHD HEM C . -4.57 -19.34 -23.45
C1A HEM C . -0.63 -17.73 -26.70
C2A HEM C . 0.31 -17.31 -27.72
C3A HEM C . 0.06 -18.07 -28.79
C4A HEM C . -0.98 -19.01 -28.46
CMA HEM C . 0.79 -18.12 -30.17
CAA HEM C . 1.34 -16.18 -27.61
CBA HEM C . 1.08 -14.90 -28.38
CGA HEM C . 1.86 -13.65 -28.20
O1A HEM C . 1.51 -12.59 -28.77
O2A HEM C . 2.86 -13.61 -27.45
C1B HEM C . -2.18 -21.09 -28.91
C2B HEM C . -2.46 -22.31 -29.69
C3B HEM C . -3.24 -23.09 -28.97
C4B HEM C . -3.55 -22.39 -27.73
CMB HEM C . -1.88 -22.52 -31.08
CAB HEM C . -3.64 -24.57 -29.13
CBB HEM C . -2.82 -25.50 -29.63
C1C HEM C . -4.63 -22.17 -25.58
C2C HEM C . -5.57 -22.63 -24.59
C3C HEM C . -5.58 -21.67 -23.64
C4C HEM C . -4.74 -20.58 -24.08
CMC HEM C . -6.27 -23.99 -24.63
CAC HEM C . -6.23 -21.68 -22.23
CBC HEM C . -6.37 -22.82 -21.53
C1D HEM C . -3.56 -18.43 -23.63
C2D HEM C . -3.16 -17.37 -22.76
C3D HEM C . -2.15 -16.73 -23.35
C4D HEM C . -1.82 -17.43 -24.57
CMD HEM C . -3.92 -17.02 -21.45
CAD HEM C . -1.25 -15.55 -22.86
CBD HEM C . 0.05 -16.17 -22.34
CGD HEM C . 0.06 -17.45 -21.49
O1D HEM C . 0.89 -18.36 -21.81
O2D HEM C . -0.66 -17.51 -20.45
NA HEM C . -1.43 -18.76 -27.17
NB HEM C . -2.87 -21.17 -27.73
NC HEM C . -4.09 -20.93 -25.23
ND HEM C . -2.71 -18.47 -24.69
FE HEM C . -2.71 -19.89 -26.17
CHA HEM D . -9.12 -27.96 -16.06
CHB HEM D . -8.19 -23.29 -15.23
CHC HEM D . -10.02 -22.41 -19.62
CHD HEM D . -12.57 -26.48 -19.07
C1A HEM D . -8.55 -26.81 -15.54
C2A HEM D . -7.53 -26.74 -14.54
C3A HEM D . -7.26 -25.45 -14.32
C4A HEM D . -8.14 -24.66 -15.17
CMA HEM D . -6.30 -24.80 -13.29
CAA HEM D . -6.91 -28.01 -13.87
CBA HEM D . -5.97 -28.77 -14.83
CGA HEM D . -5.18 -29.91 -14.17
O1A HEM D . -4.04 -30.25 -14.56
O2A HEM D . -5.85 -30.42 -13.25
C1B HEM D . -8.45 -22.68 -16.43
C2B HEM D . -7.91 -21.43 -16.89
C3B HEM D . -8.38 -21.18 -18.13
C4B HEM D . -9.25 -22.28 -18.48
CMB HEM D . -6.94 -20.61 -16.01
CAB HEM D . -7.97 -20.11 -19.12
CBB HEM D . -6.67 -19.73 -19.25
C1C HEM D . -10.96 -23.41 -19.85
C2C HEM D . -11.93 -23.48 -20.93
C3C HEM D . -12.60 -24.61 -20.77
C4C HEM D . -12.12 -25.29 -19.59
CMC HEM D . -12.07 -22.37 -22.00
CAC HEM D . -13.68 -25.26 -21.68
CBC HEM D . -13.68 -24.90 -22.98
C1D HEM D . -11.85 -27.29 -18.23
C2D HEM D . -12.09 -28.68 -17.95
C3D HEM D . -11.11 -29.09 -17.14
C4D HEM D . -10.23 -27.97 -16.87
CMD HEM D . -13.26 -29.51 -18.53
CAD HEM D . -10.94 -30.49 -16.50
CBD HEM D . -11.78 -30.72 -15.23
CGD HEM D . -13.08 -29.97 -15.11
O1D HEM D . -14.19 -30.54 -15.35
O2D HEM D . -13.08 -28.74 -14.77
NA HEM D . -8.89 -25.53 -15.94
NB HEM D . -9.25 -23.17 -17.44
NC HEM D . -11.11 -24.52 -19.05
ND HEM D . -10.72 -26.90 -17.56
FE HEM D . -9.95 -25.03 -17.57
CHA HEM E . -6.59 -24.11 -8.58
CHB HEM E . -9.39 -22.10 -11.99
CHC HEM E . -7.98 -17.73 -10.42
CHD HEM E . -4.62 -19.81 -7.68
C1A HEM E . -7.52 -23.92 -9.57
C2A HEM E . -8.38 -24.93 -10.12
C3A HEM E . -9.19 -24.37 -11.01
C4A HEM E . -8.83 -22.98 -11.10
CMA HEM E . -10.28 -25.03 -11.88
CAA HEM E . -8.36 -26.40 -9.59
CBA HEM E . -9.75 -26.80 -9.08
CGA HEM E . -9.86 -28.23 -8.60
O1A HEM E . -10.99 -28.56 -8.12
O2A HEM E . -8.81 -28.91 -8.74
C1B HEM E . -9.31 -20.75 -11.75
C2B HEM E . -10.21 -19.80 -12.31
C3B HEM E . -9.83 -18.59 -11.88
C4B HEM E . -8.66 -18.76 -11.05
CMB HEM E . -11.42 -20.13 -13.24
CAB HEM E . -10.52 -17.22 -12.10
CBB HEM E . -11.88 -17.28 -12.21
C1C HEM E . -6.93 -17.89 -9.57
C2C HEM E . -6.19 -16.84 -8.90
C3C HEM E . -5.27 -17.42 -8.12
C4C HEM E . -5.40 -18.86 -8.27
CMC HEM E . -6.51 -15.34 -9.14
CAC HEM E . -4.28 -16.83 -7.13
CBC HEM E . -4.41 -15.67 -6.46
C1D HEM E . -4.92 -21.14 -7.62
C2D HEM E . -4.33 -22.08 -6.67
C3D HEM E . -4.89 -23.25 -6.91
C4D HEM E . -5.82 -23.10 -8.00
CMD HEM E . -3.29 -21.69 -5.59
CAD HEM E . -4.68 -24.56 -6.10
CBD HEM E . -5.68 -24.61 -4.93
CGD HEM E . -5.38 -25.23 -3.60
O1D HEM E . -4.39 -26.04 -3.52
O2D HEM E . -6.19 -24.89 -2.67
NA HEM E . -7.81 -22.74 -10.23
NB HEM E . -8.38 -20.09 -10.96
NC HEM E . -6.43 -19.10 -9.16
ND HEM E . -5.81 -21.79 -8.46
FE HEM E . -7.13 -20.91 -9.64
CHA HEM F . -3.93 -11.70 5.83
CHB HEM F . -5.13 -14.71 2.19
CHC HEM F . -2.28 -12.18 -0.76
CHD HEM F . -0.91 -9.40 2.90
C1A HEM F . -4.52 -12.68 5.05
C2A HEM F . -5.43 -13.69 5.58
C3A HEM F . -5.78 -14.51 4.59
C4A HEM F . -5.08 -14.06 3.40
CMA HEM F . -6.73 -15.71 4.62
CAA HEM F . -5.95 -13.61 7.05
CBA HEM F . -7.24 -12.77 7.04
CGA HEM F . -8.50 -13.51 6.78
O1A HEM F . -9.15 -13.31 5.72
O2A HEM F . -8.81 -14.33 7.67
C1B HEM F . -4.53 -14.20 1.06
C2B HEM F . -4.81 -14.65 -0.29
C3B HEM F . -4.05 -13.93 -1.10
C4B HEM F . -3.22 -13.05 -0.31
CMB HEM F . -5.82 -15.78 -0.59
CAB HEM F . -4.06 -13.86 -2.67
CBB HEM F . -5.22 -14.16 -3.31
C1C HEM F . -1.56 -11.26 -0.02
C2C HEM F . -0.43 -10.47 -0.46
C3C HEM F . -0.04 -9.71 0.55
C4C HEM F . -0.92 -10.00 1.66
CMC HEM F . 0.16 -10.56 -1.89
CAC HEM F . 0.97 -8.54 0.59
CBC HEM F . 1.36 -7.92 -0.57
C1D HEM F . -1.72 -9.68 3.98
C2D HEM F . -1.90 -8.82 5.14
C3D HEM F . -2.73 -9.47 5.96
C4D HEM F . -3.08 -10.75 5.33
CMD HEM F . -1.11 -7.51 5.28
CAD HEM F . -3.12 -9.12 7.40
CBD HEM F . -4.55 -8.81 7.76
CGD HEM F . -4.96 -7.50 7.07
O1D HEM F . -6.16 -7.36 6.75
O2D HEM F . -4.01 -6.72 6.94
NA HEM F . -4.31 -12.96 3.71
NB HEM F . -3.54 -13.24 1.02
NC HEM F . -1.80 -11.01 1.32
ND HEM F . -2.49 -10.84 4.10
FE HEM F . -3.09 -11.95 2.51
PA FAD G . 1.01 2.19 -4.34
O1A FAD G . 2.21 1.42 -3.88
O2A FAD G . -0.29 2.00 -3.67
O5B FAD G . 0.76 2.04 -5.89
C5B FAD G . 1.90 2.06 -6.77
C4B FAD G . 1.58 1.20 -7.98
O4B FAD G . 2.34 1.54 -9.12
C3B FAD G . 1.79 -0.28 -7.77
O3B FAD G . 0.54 -0.89 -8.01
C2B FAD G . 3.01 -0.56 -8.62
O2B FAD G . 3.03 -1.93 -9.04
C1B FAD G . 2.65 0.36 -9.85
N9A FAD G . 3.91 0.65 -10.57
C8A FAD G . 5.14 0.86 -10.01
N7A FAD G . 6.06 1.09 -10.89
C5A FAD G . 5.40 1.04 -12.15
C6A FAD G . 5.71 1.29 -13.46
N6A FAD G . 6.95 1.62 -13.96
N1A FAD G . 4.71 1.07 -14.35
C2A FAD G . 3.45 0.72 -14.15
N3A FAD G . 3.11 0.49 -12.80
C4A FAD G . 4.12 0.68 -11.93
N1 FAD G . -0.55 4.46 5.12
C2 FAD G . -1.52 5.04 5.89
O2 FAD G . -1.59 6.25 5.84
N3 FAD G . -2.47 4.39 6.65
C4 FAD G . -2.51 3.00 6.81
O4 FAD G . -3.25 2.40 7.51
C4X FAD G . -1.35 2.37 6.08
N5 FAD G . -1.18 1.11 6.36
C5X FAD G . -0.25 0.50 5.58
C6 FAD G . -0.19 -0.97 5.69
C7 FAD G . 0.71 -1.62 4.80
C7M FAD G . 0.99 -3.08 4.71
C8 FAD G . 1.33 -0.74 3.89
C8M FAD G . 2.25 -1.33 2.86
C9 FAD G . 1.40 0.67 3.82
C9A FAD G . 0.50 1.26 4.71
N10 FAD G . 0.53 2.63 4.62
C10 FAD G . -0.48 3.20 5.31
C1' FAD G . 1.38 3.12 3.50
C2' FAD G . 0.76 2.94 2.18
O2' FAD G . -0.56 2.37 2.06
C3' FAD G . 1.25 3.89 1.06
O3' FAD G . 2.52 4.52 1.38
C4' FAD G . 1.17 3.68 -0.43
O4' FAD G . 0.08 2.75 -0.75
C5' FAD G . 1.33 4.92 -1.28
O5' FAD G . 0.36 4.65 -2.27
P FAD G . 0.71 5.04 -3.82
O1P FAD G . -0.45 5.13 -4.70
O2P FAD G . 1.56 6.23 -3.75
O3P FAD G . 1.52 3.72 -4.20
OXT FUM H . 0.47 4.86 8.04
C FUM H . 0.84 3.71 8.23
O FUM H . 1.93 3.17 7.78
C4 FUM H . -0.14 2.96 8.99
C5 FUM H . 0.17 1.74 9.36
C6 FUM H . -0.54 0.79 10.20
O7 FUM H . -1.81 0.59 9.97
O8 FUM H . 0.14 0.22 11.10
C ACY I . -5.77 -10.41 2.28
O ACY I . -4.62 -10.86 1.97
OXT ACY I . -6.92 -10.98 2.47
CH3 ACY I . -5.72 -8.85 2.45
#